data_1IAX
#
_entry.id   1IAX
#
_cell.length_a   123.2
_cell.length_b   123.2
_cell.length_c   212.8
_cell.angle_alpha   90
_cell.angle_beta   90
_cell.angle_gamma   120
#
_symmetry.space_group_name_H-M   'P 64 2 2'
#
loop_
_entity.id
_entity.type
_entity.pdbx_description
1 polymer '1-AMINOCYCLOPROPANE-1-CARBOXYLATE SYNTHASE 2'
2 non-polymer 'SULFATE ION'
3 non-polymer "PYRIDOXAL-5'-PHOSPHATE"
4 water water
#
_entity_poly.entity_id   1
_entity_poly.type   'polypeptide(L)'
_entity_poly.pdbx_seq_one_letter_code
;ILSKLATNEEHGENSPYFDGWKAYDSDPFHPLKNPNGVIQMGLAENQLCLDLIEDWIKRNPKGSICSEGIKSFKAIANFQ
DYHGLPEFRKAIAKFMEKTRGGRVRFDPERVVMAGGATGANETIIFCLADPGDAFLVPSPYYPAFNRDLRWRTGVQLIPI
HCESSNNFKITSKAVKEAYENAQKSNIKVKGLILTNPSNPLGTTLDKDTLKSVLSFTNQHNIHLVCDEIYAATVFDTPQF
VSIAEILDEQEMTYCNKDLVHIVYSLSKDMGLPGFRVGIIYSFNDDVVNCARKMSSFGLVSTQTQYFLAAMLSDEKFVDN
FLRESAMRLGKRHKHFTNGLEVVGIKCLKNNAGLFCWMDLRPLLRESTFDSEMSLWRVIINDVKLNVSPGSSFECQEPGW
FRVCFANMDDGTVDIALARIRRFVGVEK
;
_entity_poly.pdbx_strand_id   A,B
#
# COMPACT_ATOMS: atom_id res chain seq x y z
N ILE A 1 4.50 -18.13 17.88
CA ILE A 1 3.39 -17.46 18.61
C ILE A 1 3.06 -16.16 17.88
N LEU A 2 2.05 -16.22 17.02
CA LEU A 2 1.65 -15.04 16.24
C LEU A 2 1.02 -13.95 17.10
N SER A 3 0.84 -12.77 16.51
CA SER A 3 0.23 -11.65 17.22
C SER A 3 -1.27 -11.88 17.37
N LYS A 4 -1.94 -11.01 18.10
CA LYS A 4 -3.36 -11.15 18.31
C LYS A 4 -4.10 -11.04 16.97
N LEU A 5 -3.66 -10.10 16.12
CA LEU A 5 -4.29 -9.92 14.82
C LEU A 5 -4.12 -11.16 13.95
N ALA A 6 -2.86 -11.60 13.82
CA ALA A 6 -2.51 -12.76 13.01
C ALA A 6 -3.18 -14.02 13.50
N THR A 7 -3.44 -14.08 14.80
CA THR A 7 -4.06 -15.27 15.38
C THR A 7 -5.58 -15.21 15.38
N ASN A 8 -6.14 -14.01 15.44
CA ASN A 8 -7.59 -13.84 15.45
C ASN A 8 -8.24 -14.21 14.12
N GLU A 9 -7.60 -15.13 13.38
CA GLU A 9 -8.11 -15.59 12.10
C GLU A 9 -7.66 -17.02 11.80
N SER A 15 -16.54 -18.63 7.14
CA SER A 15 -16.99 -18.26 5.77
C SER A 15 -18.49 -18.54 5.55
N PRO A 16 -19.36 -17.65 6.08
CA PRO A 16 -20.83 -17.74 5.98
C PRO A 16 -21.45 -17.08 4.75
N TYR A 17 -21.08 -15.83 4.50
CA TYR A 17 -21.59 -15.06 3.37
C TYR A 17 -20.78 -15.28 2.10
N PHE A 18 -19.95 -16.31 2.07
CA PHE A 18 -19.12 -16.57 0.90
C PHE A 18 -19.62 -17.67 0.00
N ASP A 19 -20.75 -18.27 0.36
CA ASP A 19 -21.31 -19.34 -0.46
C ASP A 19 -21.50 -18.78 -1.87
N GLY A 20 -21.83 -17.50 -1.95
CA GLY A 20 -22.04 -16.85 -3.22
C GLY A 20 -20.74 -16.70 -3.98
N TRP A 21 -19.77 -16.03 -3.38
CA TRP A 21 -18.49 -15.84 -4.04
C TRP A 21 -17.88 -17.20 -4.33
N LYS A 22 -18.18 -18.17 -3.47
CA LYS A 22 -17.69 -19.52 -3.61
C LYS A 22 -18.37 -20.21 -4.78
N ALA A 23 -19.70 -20.24 -4.75
CA ALA A 23 -20.48 -20.87 -5.81
C ALA A 23 -19.98 -20.39 -7.17
N TYR A 24 -19.98 -19.07 -7.35
CA TYR A 24 -19.52 -18.48 -8.59
C TYR A 24 -18.17 -19.03 -9.03
N ASP A 25 -17.21 -19.05 -8.10
CA ASP A 25 -15.86 -19.55 -8.44
C ASP A 25 -15.90 -20.97 -8.98
N SER A 26 -16.78 -21.80 -8.44
CA SER A 26 -16.89 -23.18 -8.89
C SER A 26 -17.58 -23.27 -10.25
N ASP A 27 -18.79 -22.72 -10.34
CA ASP A 27 -19.57 -22.74 -11.58
C ASP A 27 -19.65 -21.35 -12.24
N PRO A 28 -18.50 -20.76 -12.62
CA PRO A 28 -18.52 -19.43 -13.25
C PRO A 28 -19.21 -19.36 -14.61
N PHE A 29 -20.22 -18.50 -14.72
CA PHE A 29 -20.95 -18.32 -15.98
C PHE A 29 -20.02 -17.94 -17.14
N HIS A 30 -20.48 -18.22 -18.35
CA HIS A 30 -19.75 -17.90 -19.58
C HIS A 30 -20.63 -18.31 -20.76
N PRO A 31 -20.87 -17.38 -21.68
CA PRO A 31 -21.70 -17.60 -22.87
C PRO A 31 -21.51 -18.92 -23.63
N LEU A 32 -20.28 -19.32 -23.89
CA LEU A 32 -20.03 -20.55 -24.64
C LEU A 32 -19.71 -21.81 -23.83
N LYS A 33 -18.70 -21.72 -22.96
CA LYS A 33 -18.27 -22.88 -22.18
C LYS A 33 -19.04 -23.16 -20.90
N ASN A 34 -20.11 -22.42 -20.64
CA ASN A 34 -20.92 -22.63 -19.44
C ASN A 34 -22.03 -21.58 -19.39
N PRO A 35 -22.97 -21.65 -20.34
CA PRO A 35 -24.09 -20.72 -20.43
C PRO A 35 -24.99 -20.71 -19.21
N ASN A 36 -24.79 -21.65 -18.30
CA ASN A 36 -25.63 -21.68 -17.10
C ASN A 36 -24.85 -21.65 -15.79
N GLY A 37 -23.74 -20.92 -15.79
CA GLY A 37 -22.95 -20.78 -14.59
C GLY A 37 -23.50 -19.61 -13.78
N VAL A 38 -23.26 -19.62 -12.48
CA VAL A 38 -23.73 -18.55 -11.62
C VAL A 38 -23.24 -17.24 -12.23
N ILE A 39 -24.11 -16.24 -12.25
CA ILE A 39 -23.71 -14.97 -12.80
C ILE A 39 -23.17 -14.11 -11.67
N GLN A 40 -22.10 -13.39 -11.95
CA GLN A 40 -21.46 -12.54 -10.95
C GLN A 40 -22.17 -11.18 -10.83
N MET A 41 -23.08 -11.07 -9.88
CA MET A 41 -23.83 -9.84 -9.64
C MET A 41 -23.61 -9.37 -8.20
N GLY A 42 -22.46 -9.73 -7.64
CA GLY A 42 -22.16 -9.33 -6.28
C GLY A 42 -20.93 -8.46 -6.18
N LEU A 43 -20.31 -8.17 -7.30
CA LEU A 43 -19.14 -7.31 -7.30
C LEU A 43 -19.45 -5.99 -7.95
N ALA A 44 -19.14 -4.92 -7.22
CA ALA A 44 -19.39 -3.56 -7.66
C ALA A 44 -18.32 -3.12 -8.65
N GLU A 45 -18.13 -3.88 -9.71
CA GLU A 45 -17.14 -3.51 -10.72
C GLU A 45 -17.82 -2.66 -11.79
N ASN A 46 -17.10 -1.70 -12.34
CA ASN A 46 -17.67 -0.84 -13.37
C ASN A 46 -16.94 -1.14 -14.69
N GLN A 47 -17.60 -1.91 -15.56
CA GLN A 47 -16.99 -2.29 -16.83
C GLN A 47 -17.63 -1.67 -18.06
N LEU A 48 -18.73 -0.95 -17.88
CA LEU A 48 -19.44 -0.36 -19.00
C LEU A 48 -18.60 0.54 -19.93
N CYS A 49 -17.54 1.16 -19.41
CA CYS A 49 -16.72 2.05 -20.23
C CYS A 49 -15.26 1.68 -20.41
N LEU A 50 -14.92 0.41 -20.21
CA LEU A 50 -13.54 0.03 -20.40
C LEU A 50 -13.16 0.18 -21.86
N ASP A 51 -14.13 -0.03 -22.73
CA ASP A 51 -13.90 0.09 -24.15
C ASP A 51 -13.42 1.51 -24.43
N LEU A 52 -13.98 2.46 -23.71
CA LEU A 52 -13.60 3.85 -23.87
C LEU A 52 -12.11 4.02 -23.55
N ILE A 53 -11.65 3.41 -22.46
CA ILE A 53 -10.25 3.52 -22.09
C ILE A 53 -9.30 2.84 -23.09
N GLU A 54 -9.67 1.66 -23.58
CA GLU A 54 -8.81 0.95 -24.54
C GLU A 54 -8.67 1.81 -25.78
N ASP A 55 -9.78 2.36 -26.27
CA ASP A 55 -9.76 3.23 -27.43
C ASP A 55 -8.70 4.30 -27.22
N TRP A 56 -8.86 5.03 -26.13
CA TRP A 56 -7.95 6.10 -25.78
C TRP A 56 -6.50 5.62 -25.75
N ILE A 57 -6.29 4.46 -25.14
CA ILE A 57 -4.94 3.89 -25.03
C ILE A 57 -4.25 3.73 -26.40
N LYS A 58 -4.99 3.98 -27.48
CA LYS A 58 -4.39 3.88 -28.81
C LYS A 58 -4.10 5.27 -29.38
N ARG A 59 -3.65 6.21 -28.56
CA ARG A 59 -3.37 7.56 -29.06
C ARG A 59 -2.35 8.40 -28.27
N ASN A 60 -2.79 9.57 -27.79
CA ASN A 60 -1.93 10.55 -27.07
C ASN A 60 -2.11 10.72 -25.55
N PRO A 61 -1.03 11.01 -24.80
CA PRO A 61 0.36 11.16 -25.27
C PRO A 61 1.12 9.85 -25.06
N LYS A 62 2.08 9.87 -24.14
CA LYS A 62 2.83 8.67 -23.84
C LYS A 62 2.04 7.92 -22.78
N GLY A 63 1.30 6.91 -23.22
CA GLY A 63 0.49 6.13 -22.31
C GLY A 63 1.29 5.47 -21.21
N SER A 64 2.46 4.95 -21.57
CA SER A 64 3.32 4.29 -20.61
C SER A 64 4.68 3.95 -21.21
N ILE A 65 5.75 4.43 -20.58
CA ILE A 65 7.11 4.15 -21.03
C ILE A 65 7.63 2.96 -20.24
N SER A 72 12.68 8.84 -19.74
CA SER A 72 12.02 9.26 -18.46
C SER A 72 11.83 8.10 -17.50
N PHE A 73 11.97 6.88 -18.02
CA PHE A 73 11.80 5.64 -17.24
C PHE A 73 12.64 5.59 -15.96
N LYS A 74 13.93 5.91 -16.08
CA LYS A 74 14.81 5.89 -14.91
C LYS A 74 14.26 6.83 -13.85
N ALA A 75 13.74 7.97 -14.31
CA ALA A 75 13.20 8.98 -13.43
C ALA A 75 11.97 8.50 -12.65
N ILE A 76 11.04 7.85 -13.33
CA ILE A 76 9.86 7.36 -12.67
C ILE A 76 10.14 6.05 -11.93
N ALA A 77 11.00 5.22 -12.51
CA ALA A 77 11.32 3.95 -11.90
C ALA A 77 11.99 4.20 -10.57
N ASN A 78 12.56 5.39 -10.43
CA ASN A 78 13.26 5.73 -9.21
C ASN A 78 12.56 6.82 -8.39
N PHE A 79 11.63 7.53 -9.01
CA PHE A 79 10.91 8.58 -8.31
C PHE A 79 10.24 7.93 -7.12
N GLN A 80 10.47 8.48 -5.94
CA GLN A 80 9.90 7.91 -4.74
C GLN A 80 9.55 8.97 -3.69
N ASP A 81 8.97 10.07 -4.15
CA ASP A 81 8.55 11.18 -3.27
C ASP A 81 7.08 10.95 -2.91
N TYR A 82 6.78 10.89 -1.62
CA TYR A 82 5.42 10.67 -1.13
C TYR A 82 4.42 11.65 -1.75
N HIS A 83 4.94 12.64 -2.45
CA HIS A 83 4.10 13.63 -3.10
C HIS A 83 3.70 13.09 -4.45
N GLY A 84 4.56 12.30 -5.07
CA GLY A 84 4.26 11.71 -6.36
C GLY A 84 4.72 12.48 -7.58
N LEU A 85 4.54 11.88 -8.75
CA LEU A 85 4.93 12.53 -10.00
C LEU A 85 4.21 13.88 -10.12
N PRO A 86 4.96 14.92 -10.52
CA PRO A 86 4.49 16.30 -10.69
C PRO A 86 3.04 16.46 -11.16
N GLU A 87 2.75 15.85 -12.30
CA GLU A 87 1.45 15.94 -12.95
C GLU A 87 0.33 15.07 -12.38
N PHE A 88 0.69 14.11 -11.53
CA PHE A 88 -0.31 13.21 -10.94
C PHE A 88 -1.30 13.95 -10.02
N ARG A 89 -0.80 14.64 -8.99
CA ARG A 89 -1.69 15.35 -8.07
C ARG A 89 -2.63 16.33 -8.79
N LYS A 90 -2.08 17.07 -9.76
CA LYS A 90 -2.88 18.05 -10.50
C LYS A 90 -3.97 17.38 -11.30
N ALA A 91 -3.63 16.24 -11.90
CA ALA A 91 -4.59 15.50 -12.72
C ALA A 91 -5.72 14.98 -11.84
N ILE A 92 -5.37 14.43 -10.69
CA ILE A 92 -6.39 13.92 -9.79
C ILE A 92 -7.34 15.05 -9.42
N ALA A 93 -6.77 16.18 -8.99
CA ALA A 93 -7.57 17.34 -8.59
C ALA A 93 -8.46 17.86 -9.71
N LYS A 94 -7.92 17.97 -10.93
CA LYS A 94 -8.75 18.41 -12.05
C LYS A 94 -9.85 17.39 -12.25
N PHE A 95 -9.52 16.11 -12.03
CA PHE A 95 -10.52 15.06 -12.19
C PHE A 95 -11.55 15.14 -11.06
N MET A 96 -11.08 15.43 -9.86
CA MET A 96 -12.00 15.54 -8.76
C MET A 96 -12.94 16.72 -8.96
N GLU A 97 -12.49 17.72 -9.70
CA GLU A 97 -13.33 18.89 -9.97
C GLU A 97 -14.37 18.55 -11.04
N LYS A 98 -13.93 18.10 -12.21
CA LYS A 98 -14.90 17.74 -13.26
C LYS A 98 -16.00 16.88 -12.64
N THR A 99 -15.60 16.03 -11.71
CA THR A 99 -16.48 15.12 -11.01
C THR A 99 -17.56 15.85 -10.23
N ARG A 100 -17.13 16.67 -9.29
CA ARG A 100 -18.05 17.42 -8.45
C ARG A 100 -18.59 18.68 -9.15
N GLY A 101 -18.82 18.55 -10.46
CA GLY A 101 -19.35 19.66 -11.24
C GLY A 101 -18.32 20.63 -11.81
N GLY A 102 -17.20 20.77 -11.12
CA GLY A 102 -16.16 21.70 -11.57
C GLY A 102 -16.46 23.02 -10.88
N ARG A 103 -17.47 22.99 -10.02
CA ARG A 103 -17.93 24.15 -9.26
C ARG A 103 -17.03 24.48 -8.06
N VAL A 104 -16.54 23.44 -7.38
CA VAL A 104 -15.65 23.62 -6.24
C VAL A 104 -14.23 23.31 -6.68
N ARG A 105 -13.25 23.93 -6.04
CA ARG A 105 -11.86 23.73 -6.41
C ARG A 105 -11.07 22.81 -5.50
N PHE A 106 -10.10 22.10 -6.08
CA PHE A 106 -9.25 21.20 -5.34
C PHE A 106 -7.79 21.55 -5.54
N ASP A 107 -7.04 21.49 -4.44
CA ASP A 107 -5.62 21.82 -4.41
C ASP A 107 -4.70 20.62 -4.56
N PRO A 108 -4.14 20.41 -5.74
CA PRO A 108 -3.24 19.26 -5.93
C PRO A 108 -2.21 19.07 -4.82
N GLU A 109 -1.89 20.14 -4.10
CA GLU A 109 -0.88 20.02 -3.03
C GLU A 109 -1.41 19.24 -1.84
N ARG A 110 -2.74 19.23 -1.70
CA ARG A 110 -3.39 18.51 -0.61
C ARG A 110 -3.77 17.09 -0.99
N VAL A 111 -3.45 16.67 -2.21
CA VAL A 111 -3.79 15.32 -2.67
C VAL A 111 -2.77 14.30 -2.16
N VAL A 112 -3.27 13.29 -1.43
CA VAL A 112 -2.45 12.25 -0.85
C VAL A 112 -2.88 10.84 -1.31
N MET A 113 -1.89 10.00 -1.60
CA MET A 113 -2.13 8.64 -2.08
C MET A 113 -2.31 7.62 -0.95
N ALA A 114 -2.80 6.45 -1.33
CA ALA A 114 -3.03 5.33 -0.42
C ALA A 114 -3.41 4.13 -1.28
N GLY A 115 -3.30 2.93 -0.73
CA GLY A 115 -3.64 1.73 -1.48
C GLY A 115 -5.11 1.57 -1.71
N GLY A 116 -5.63 2.23 -2.74
CA GLY A 116 -7.04 2.16 -3.04
C GLY A 116 -7.85 2.82 -1.93
N ALA A 117 -9.16 2.67 -1.96
CA ALA A 117 -9.97 3.27 -0.92
C ALA A 117 -9.71 2.50 0.37
N THR A 118 -9.38 1.22 0.22
CA THR A 118 -9.08 0.35 1.35
C THR A 118 -8.01 1.01 2.22
N GLY A 119 -6.89 1.35 1.60
CA GLY A 119 -5.83 2.01 2.34
C GLY A 119 -6.20 3.41 2.79
N ALA A 120 -6.91 4.14 1.95
CA ALA A 120 -7.33 5.50 2.29
C ALA A 120 -8.16 5.47 3.58
N ASN A 121 -9.09 4.52 3.63
CA ASN A 121 -9.95 4.38 4.79
C ASN A 121 -9.18 4.02 6.07
N GLU A 122 -8.35 2.99 6.01
CA GLU A 122 -7.60 2.60 7.19
C GLU A 122 -6.72 3.74 7.69
N THR A 123 -6.11 4.45 6.76
CA THR A 123 -5.24 5.54 7.14
C THR A 123 -5.99 6.72 7.74
N ILE A 124 -7.09 7.14 7.13
CA ILE A 124 -7.82 8.27 7.67
C ILE A 124 -8.34 7.98 9.08
N ILE A 125 -8.52 6.70 9.43
CA ILE A 125 -8.96 6.37 10.78
C ILE A 125 -7.73 6.40 11.68
N PHE A 126 -6.63 5.88 11.17
CA PHE A 126 -5.37 5.88 11.92
C PHE A 126 -5.04 7.29 12.34
N CYS A 127 -5.37 8.25 11.49
CA CYS A 127 -5.10 9.68 11.73
C CYS A 127 -6.09 10.37 12.68
N LEU A 128 -7.34 9.94 12.64
CA LEU A 128 -8.40 10.56 13.41
C LEU A 128 -8.77 9.92 14.74
N ALA A 129 -8.65 8.60 14.85
CA ALA A 129 -8.99 7.97 16.12
C ALA A 129 -7.91 7.04 16.68
N ASP A 130 -7.94 6.89 18.00
CA ASP A 130 -7.01 6.02 18.69
C ASP A 130 -7.72 4.68 18.90
N PRO A 131 -6.95 3.62 19.16
CA PRO A 131 -7.59 2.32 19.37
C PRO A 131 -8.58 2.48 20.52
N GLY A 132 -9.74 1.86 20.39
CA GLY A 132 -10.73 1.95 21.45
C GLY A 132 -11.79 2.99 21.14
N ASP A 133 -11.42 3.99 20.35
CA ASP A 133 -12.35 5.03 19.98
C ASP A 133 -13.36 4.44 18.98
N ALA A 134 -14.40 5.19 18.67
CA ALA A 134 -15.39 4.72 17.74
C ALA A 134 -15.74 5.77 16.67
N PHE A 135 -16.36 5.30 15.60
CA PHE A 135 -16.78 6.16 14.51
C PHE A 135 -18.23 5.78 14.27
N LEU A 136 -19.04 6.76 13.87
CA LEU A 136 -20.44 6.50 13.59
C LEU A 136 -20.55 6.14 12.11
N VAL A 137 -21.34 5.11 11.79
CA VAL A 137 -21.51 4.68 10.41
C VAL A 137 -22.95 4.44 10.03
N PRO A 138 -23.47 5.16 9.03
CA PRO A 138 -24.86 4.87 8.71
C PRO A 138 -24.90 3.46 8.13
N SER A 139 -26.05 2.80 8.21
CA SER A 139 -26.19 1.46 7.66
C SER A 139 -27.51 1.46 6.90
N PRO A 140 -27.69 0.52 5.96
CA PRO A 140 -26.73 -0.52 5.57
C PRO A 140 -25.42 0.07 5.04
N TYR A 141 -24.31 -0.59 5.36
CA TYR A 141 -23.02 -0.08 4.91
C TYR A 141 -22.08 -1.10 4.28
N TYR A 142 -21.04 -0.56 3.64
CA TYR A 142 -20.00 -1.31 2.95
C TYR A 142 -19.32 -2.29 3.90
N PRO A 143 -19.58 -3.60 3.73
CA PRO A 143 -18.98 -4.63 4.58
C PRO A 143 -17.46 -4.58 4.76
N ALA A 144 -16.72 -4.12 3.76
CA ALA A 144 -15.28 -4.08 3.94
C ALA A 144 -14.89 -3.15 5.11
N PHE A 145 -15.76 -2.18 5.41
CA PHE A 145 -15.50 -1.25 6.49
C PHE A 145 -15.12 -1.98 7.78
N ASN A 146 -15.85 -3.06 8.06
CA ASN A 146 -15.61 -3.84 9.27
C ASN A 146 -14.17 -4.34 9.44
N ARG A 147 -13.41 -4.36 8.35
CA ARG A 147 -12.03 -4.77 8.43
C ARG A 147 -11.19 -3.50 8.29
N ASP A 148 -11.42 -2.82 7.18
CA ASP A 148 -10.74 -1.59 6.82
C ASP A 148 -10.66 -0.56 7.93
N LEU A 149 -11.79 -0.31 8.57
CA LEU A 149 -11.83 0.68 9.63
C LEU A 149 -11.45 0.17 11.03
N ARG A 150 -11.57 -1.14 11.26
CA ARG A 150 -11.31 -1.68 12.60
C ARG A 150 -10.14 -2.64 12.82
N TRP A 151 -9.84 -3.49 11.84
CA TRP A 151 -8.79 -4.46 12.04
C TRP A 151 -7.51 -3.92 12.69
N ARG A 152 -6.59 -3.39 11.90
CA ARG A 152 -5.32 -2.91 12.44
C ARG A 152 -5.39 -1.56 13.17
N THR A 153 -6.59 -1.05 13.38
CA THR A 153 -6.72 0.24 14.02
C THR A 153 -7.24 0.23 15.46
N GLY A 154 -7.85 -0.87 15.88
CA GLY A 154 -8.38 -0.94 17.22
C GLY A 154 -9.55 0.01 17.34
N VAL A 155 -10.09 0.42 16.21
CA VAL A 155 -11.22 1.34 16.20
C VAL A 155 -12.49 0.57 16.04
N GLN A 156 -13.57 1.09 16.61
CA GLN A 156 -14.86 0.43 16.54
C GLN A 156 -15.87 1.25 15.75
N LEU A 157 -16.84 0.54 15.17
CA LEU A 157 -17.87 1.17 14.39
C LEU A 157 -19.19 1.14 15.13
N ILE A 158 -19.92 2.25 15.08
CA ILE A 158 -21.21 2.30 15.73
C ILE A 158 -22.26 2.60 14.68
N PRO A 159 -23.13 1.62 14.41
CA PRO A 159 -24.21 1.70 13.42
C PRO A 159 -25.26 2.74 13.72
N ILE A 160 -25.79 3.34 12.66
CA ILE A 160 -26.86 4.32 12.75
C ILE A 160 -28.05 3.74 12.01
N HIS A 161 -29.17 3.68 12.70
CA HIS A 161 -30.40 3.10 12.16
C HIS A 161 -30.95 3.73 10.89
N CYS A 162 -31.33 2.87 9.95
CA CYS A 162 -31.93 3.27 8.68
C CYS A 162 -32.93 2.20 8.25
N GLU A 163 -34.11 2.62 7.83
CA GLU A 163 -35.11 1.66 7.40
C GLU A 163 -35.61 2.01 6.01
N SER A 164 -36.45 1.15 5.45
CA SER A 164 -36.99 1.38 4.13
C SER A 164 -38.25 2.25 4.23
N SER A 165 -38.76 2.44 5.45
CA SER A 165 -39.95 3.26 5.64
C SER A 165 -39.69 4.68 5.12
N ASN A 166 -38.43 5.11 5.17
CA ASN A 166 -38.05 6.43 4.68
C ASN A 166 -36.97 6.37 3.58
N ASN A 167 -37.01 5.32 2.79
CA ASN A 167 -36.06 5.13 1.71
C ASN A 167 -34.60 5.14 2.16
N PHE A 168 -34.36 4.59 3.35
CA PHE A 168 -33.03 4.48 3.94
C PHE A 168 -32.24 5.78 4.03
N LYS A 169 -32.91 6.84 4.47
CA LYS A 169 -32.27 8.14 4.63
C LYS A 169 -31.71 8.28 6.02
N ILE A 170 -30.65 9.08 6.15
CA ILE A 170 -30.00 9.33 7.44
C ILE A 170 -30.65 10.55 8.06
N THR A 171 -31.38 10.35 9.15
CA THR A 171 -32.06 11.44 9.82
C THR A 171 -31.23 11.98 10.98
N SER A 172 -31.21 13.31 11.12
CA SER A 172 -30.44 13.93 12.20
C SER A 172 -30.84 13.38 13.58
N LYS A 173 -32.05 12.87 13.70
CA LYS A 173 -32.48 12.30 14.97
C LYS A 173 -31.73 10.99 15.17
N ALA A 174 -31.71 10.18 14.11
CA ALA A 174 -31.04 8.89 14.13
C ALA A 174 -29.55 9.05 14.46
N VAL A 175 -28.97 10.18 14.04
CA VAL A 175 -27.57 10.43 14.31
C VAL A 175 -27.35 10.81 15.78
N LYS A 176 -28.19 11.69 16.31
CA LYS A 176 -28.05 12.09 17.70
C LYS A 176 -28.18 10.87 18.62
N GLU A 177 -29.16 10.01 18.34
CA GLU A 177 -29.37 8.84 19.17
C GLU A 177 -28.15 7.95 19.30
N ALA A 178 -27.52 7.63 18.17
CA ALA A 178 -26.34 6.78 18.18
C ALA A 178 -25.22 7.45 18.96
N TYR A 179 -25.08 8.75 18.75
CA TYR A 179 -24.06 9.52 19.43
C TYR A 179 -24.21 9.45 20.94
N GLU A 180 -25.38 9.80 21.46
CA GLU A 180 -25.63 9.78 22.90
C GLU A 180 -25.67 8.36 23.47
N ASN A 181 -26.24 7.43 22.70
CA ASN A 181 -26.31 6.04 23.14
C ASN A 181 -24.90 5.56 23.41
N ALA A 182 -23.98 5.98 22.55
CA ALA A 182 -22.57 5.61 22.65
C ALA A 182 -21.89 6.24 23.85
N GLN A 183 -22.27 7.48 24.16
CA GLN A 183 -21.69 8.21 25.28
C GLN A 183 -22.07 7.65 26.64
N LYS A 184 -23.34 7.31 26.82
CA LYS A 184 -23.79 6.73 28.07
C LYS A 184 -22.94 5.50 28.34
N SER A 185 -22.62 4.78 27.26
CA SER A 185 -21.80 3.57 27.34
C SER A 185 -20.32 3.95 27.43
N ASN A 186 -20.04 5.25 27.44
CA ASN A 186 -18.70 5.79 27.52
C ASN A 186 -17.79 5.49 26.35
N ILE A 187 -18.36 5.43 25.15
CA ILE A 187 -17.56 5.19 23.96
C ILE A 187 -17.20 6.55 23.38
N LYS A 188 -15.90 6.79 23.19
CA LYS A 188 -15.49 8.07 22.65
C LYS A 188 -15.61 8.12 21.12
N VAL A 189 -16.67 8.77 20.65
CA VAL A 189 -16.88 8.91 19.21
C VAL A 189 -15.97 10.01 18.72
N LYS A 190 -15.04 9.65 17.84
CA LYS A 190 -14.12 10.64 17.32
C LYS A 190 -14.59 11.18 15.98
N GLY A 191 -15.53 10.46 15.35
CA GLY A 191 -16.04 10.90 14.06
C GLY A 191 -17.20 10.10 13.50
N LEU A 192 -17.65 10.50 12.31
CA LEU A 192 -18.75 9.87 11.60
C LEU A 192 -18.32 9.75 10.14
N ILE A 193 -18.45 8.57 9.56
CA ILE A 193 -18.04 8.38 8.18
C ILE A 193 -19.18 8.02 7.23
N LEU A 194 -19.44 8.91 6.27
CA LEU A 194 -20.50 8.71 5.28
C LEU A 194 -19.95 8.13 4.00
N THR A 195 -20.86 7.64 3.19
CA THR A 195 -20.55 7.12 1.87
C THR A 195 -21.59 7.84 1.03
N ASN A 196 -21.12 8.70 0.13
CA ASN A 196 -22.00 9.49 -0.71
C ASN A 196 -21.26 9.77 -2.01
N PRO A 197 -21.76 9.28 -3.15
CA PRO A 197 -22.96 8.45 -3.33
C PRO A 197 -22.92 7.23 -2.42
N SER A 198 -24.08 6.63 -2.18
CA SER A 198 -24.22 5.50 -1.26
C SER A 198 -24.07 4.05 -1.74
N ASN A 199 -23.40 3.24 -0.93
CA ASN A 199 -23.23 1.82 -1.19
C ASN A 199 -23.88 1.19 0.06
N PRO A 200 -24.84 0.27 -0.09
CA PRO A 200 -25.50 -0.35 -1.25
C PRO A 200 -26.72 0.39 -1.81
N LEU A 201 -27.16 1.45 -1.13
CA LEU A 201 -28.35 2.19 -1.55
C LEU A 201 -28.23 2.82 -2.94
N GLY A 202 -27.00 3.02 -3.40
CA GLY A 202 -26.77 3.61 -4.70
C GLY A 202 -27.47 4.95 -4.84
N THR A 203 -27.53 5.71 -3.75
CA THR A 203 -28.18 7.02 -3.81
C THR A 203 -27.24 8.15 -3.42
N THR A 204 -27.40 9.31 -4.05
CA THR A 204 -26.60 10.48 -3.72
C THR A 204 -27.35 11.19 -2.60
N LEU A 205 -26.61 11.81 -1.69
CA LEU A 205 -27.23 12.47 -0.55
C LEU A 205 -27.79 13.86 -0.73
N ASP A 206 -28.99 14.04 -0.18
CA ASP A 206 -29.73 15.30 -0.15
C ASP A 206 -28.82 16.39 0.44
N LYS A 207 -28.58 17.46 -0.32
CA LYS A 207 -27.72 18.56 0.13
C LYS A 207 -28.04 19.00 1.54
N ASP A 208 -29.32 19.20 1.82
CA ASP A 208 -29.69 19.62 3.16
C ASP A 208 -29.30 18.59 4.19
N THR A 209 -29.33 17.32 3.80
CA THR A 209 -28.96 16.24 4.71
C THR A 209 -27.47 16.31 5.06
N LEU A 210 -26.64 16.61 4.07
CA LEU A 210 -25.20 16.75 4.31
C LEU A 210 -25.01 17.91 5.26
N LYS A 211 -25.66 19.04 4.94
CA LYS A 211 -25.55 20.21 5.80
C LYS A 211 -25.93 19.91 7.25
N SER A 212 -26.80 18.93 7.47
CA SER A 212 -27.20 18.56 8.83
C SER A 212 -26.11 17.74 9.47
N VAL A 213 -25.73 16.64 8.82
CA VAL A 213 -24.68 15.79 9.34
C VAL A 213 -23.43 16.61 9.69
N LEU A 214 -23.13 17.60 8.85
CA LEU A 214 -21.96 18.44 9.06
C LEU A 214 -22.11 19.41 10.24
N SER A 215 -23.34 19.90 10.46
CA SER A 215 -23.60 20.81 11.59
C SER A 215 -23.40 20.06 12.90
N PHE A 216 -24.18 18.98 13.08
CA PHE A 216 -24.08 18.15 14.28
C PHE A 216 -22.64 17.70 14.44
N THR A 217 -22.02 17.33 13.32
CA THR A 217 -20.65 16.89 13.32
C THR A 217 -19.72 17.95 13.88
N ASN A 218 -19.80 19.14 13.29
CA ASN A 218 -18.97 20.26 13.69
C ASN A 218 -19.31 20.75 15.10
N GLN A 219 -20.58 20.60 15.47
CA GLN A 219 -21.07 21.01 16.76
C GLN A 219 -20.63 20.12 17.94
N HIS A 220 -19.94 19.02 17.66
CA HIS A 220 -19.49 18.12 18.73
C HIS A 220 -18.03 17.82 18.61
N ASN A 221 -17.37 18.59 17.75
CA ASN A 221 -15.95 18.42 17.48
C ASN A 221 -15.52 17.02 17.05
N ILE A 222 -16.35 16.35 16.24
CA ILE A 222 -15.98 15.04 15.72
C ILE A 222 -15.79 15.18 14.20
N HIS A 223 -14.95 14.32 13.65
CA HIS A 223 -14.66 14.36 12.22
C HIS A 223 -15.74 13.80 11.33
N LEU A 224 -15.85 14.39 10.15
CA LEU A 224 -16.78 13.91 9.17
C LEU A 224 -15.94 13.43 7.98
N VAL A 225 -15.89 12.12 7.79
CA VAL A 225 -15.14 11.55 6.70
C VAL A 225 -16.14 11.19 5.63
N CYS A 226 -15.83 11.54 4.38
CA CYS A 226 -16.73 11.24 3.27
C CYS A 226 -16.08 10.37 2.23
N ASP A 227 -16.69 9.21 2.01
CA ASP A 227 -16.21 8.26 1.03
C ASP A 227 -17.03 8.61 -0.20
N GLU A 228 -16.47 9.43 -1.08
CA GLU A 228 -17.21 9.82 -2.27
C GLU A 228 -16.66 9.04 -3.45
N ILE A 229 -16.25 7.81 -3.16
CA ILE A 229 -15.69 6.94 -4.17
C ILE A 229 -16.61 6.66 -5.39
N TYR A 230 -17.90 6.96 -5.24
CA TYR A 230 -18.87 6.76 -6.30
C TYR A 230 -19.34 8.06 -6.99
N ALA A 231 -18.61 9.15 -6.71
CA ALA A 231 -18.96 10.47 -7.26
C ALA A 231 -19.31 10.53 -8.73
N ALA A 232 -18.53 9.87 -9.57
CA ALA A 232 -18.79 9.90 -11.01
C ALA A 232 -19.56 8.70 -11.53
N THR A 233 -20.59 8.27 -10.82
CA THR A 233 -21.40 7.15 -11.28
C THR A 233 -22.85 7.53 -11.20
N VAL A 234 -23.10 8.81 -10.98
CA VAL A 234 -24.47 9.30 -10.89
C VAL A 234 -25.00 9.25 -12.33
N PHE A 235 -26.19 8.67 -12.52
CA PHE A 235 -26.75 8.56 -13.86
C PHE A 235 -28.15 9.18 -13.96
N ASP A 236 -28.53 9.93 -12.94
CA ASP A 236 -29.83 10.57 -12.90
C ASP A 236 -29.81 11.66 -11.83
N THR A 237 -30.84 12.48 -11.80
CA THR A 237 -30.93 13.55 -10.82
C THR A 237 -31.35 12.91 -9.49
N PRO A 238 -31.13 13.61 -8.38
CA PRO A 238 -30.53 14.94 -8.25
C PRO A 238 -29.06 14.88 -8.70
N GLN A 239 -28.31 15.94 -8.43
CA GLN A 239 -26.91 15.99 -8.83
C GLN A 239 -26.09 15.54 -7.62
N PHE A 240 -24.85 15.13 -7.85
CA PHE A 240 -24.03 14.70 -6.74
C PHE A 240 -23.46 15.94 -6.03
N VAL A 241 -23.66 16.03 -4.72
CA VAL A 241 -23.17 17.17 -3.96
C VAL A 241 -22.02 16.75 -3.05
N SER A 242 -20.80 17.20 -3.37
CA SER A 242 -19.63 16.85 -2.58
C SER A 242 -19.57 17.68 -1.30
N ILE A 243 -19.02 17.09 -0.24
CA ILE A 243 -18.92 17.78 1.02
C ILE A 243 -18.06 19.03 0.82
N ALA A 244 -17.12 18.96 -0.11
CA ALA A 244 -16.25 20.10 -0.40
C ALA A 244 -17.10 21.30 -0.86
N GLU A 245 -18.18 21.04 -1.58
CA GLU A 245 -19.06 22.12 -2.04
C GLU A 245 -19.77 22.72 -0.84
N ILE A 246 -20.14 21.88 0.11
CA ILE A 246 -20.84 22.35 1.31
C ILE A 246 -19.92 23.26 2.11
N LEU A 247 -18.64 22.93 2.16
CA LEU A 247 -17.72 23.78 2.91
C LEU A 247 -17.58 25.15 2.25
N ASP A 248 -18.10 25.31 1.04
CA ASP A 248 -18.01 26.56 0.35
C ASP A 248 -19.22 27.49 0.45
N GLU A 249 -20.32 27.05 1.04
CA GLU A 249 -21.48 27.92 1.12
C GLU A 249 -21.37 28.92 2.28
N GLN A 250 -21.96 30.10 2.10
CA GLN A 250 -21.97 31.16 3.11
C GLN A 250 -22.62 30.66 4.38
N GLU A 251 -23.70 29.91 4.20
CA GLU A 251 -24.47 29.35 5.30
C GLU A 251 -23.63 28.40 6.20
N MET A 252 -22.40 28.11 5.80
CA MET A 252 -21.56 27.20 6.57
C MET A 252 -20.10 27.62 6.70
N THR A 253 -19.88 28.94 6.68
CA THR A 253 -18.55 29.53 6.79
C THR A 253 -17.85 29.21 8.11
N TYR A 254 -18.62 29.12 9.20
CA TYR A 254 -18.06 28.85 10.51
C TYR A 254 -17.86 27.38 10.83
N CYS A 255 -18.05 26.51 9.86
CA CYS A 255 -17.82 25.11 10.14
C CYS A 255 -16.30 24.92 10.14
N ASN A 256 -15.78 24.27 11.17
CA ASN A 256 -14.35 24.02 11.32
C ASN A 256 -13.85 23.01 10.31
N LYS A 257 -13.01 23.47 9.39
CA LYS A 257 -12.47 22.60 8.35
C LYS A 257 -11.43 21.60 8.86
N ASP A 258 -11.13 21.64 10.14
CA ASP A 258 -10.16 20.71 10.70
C ASP A 258 -10.78 19.33 10.79
N LEU A 259 -12.10 19.29 10.89
CA LEU A 259 -12.80 18.02 11.05
C LEU A 259 -13.48 17.41 9.81
N VAL A 260 -13.17 17.91 8.62
CA VAL A 260 -13.78 17.39 7.40
C VAL A 260 -12.75 16.77 6.46
N HIS A 261 -13.08 15.60 5.92
CA HIS A 261 -12.15 14.88 5.06
C HIS A 261 -12.86 14.07 3.97
N ILE A 262 -12.12 13.80 2.90
CA ILE A 262 -12.66 13.03 1.78
C ILE A 262 -11.81 11.81 1.40
N VAL A 263 -12.48 10.68 1.19
CA VAL A 263 -11.80 9.46 0.80
C VAL A 263 -12.31 9.21 -0.60
N TYR A 264 -11.38 9.01 -1.53
CA TYR A 264 -11.72 8.82 -2.93
C TYR A 264 -10.83 7.75 -3.55
N SER A 265 -11.20 7.31 -4.75
CA SER A 265 -10.49 6.28 -5.46
C SER A 265 -10.93 6.27 -6.93
N LEU A 266 -10.19 5.58 -7.79
CA LEU A 266 -10.54 5.47 -9.21
C LEU A 266 -11.16 4.12 -9.53
N SER A 267 -11.22 3.24 -8.53
CA SER A 267 -11.78 1.91 -8.71
C SER A 267 -13.21 1.89 -9.22
N LYS A 268 -14.09 2.55 -8.50
CA LYS A 268 -15.50 2.58 -8.89
C LYS A 268 -15.78 3.46 -10.12
N ASP A 269 -15.33 4.71 -10.13
CA ASP A 269 -15.57 5.49 -11.33
C ASP A 269 -14.27 5.71 -12.08
N MET A 270 -14.05 4.81 -13.04
CA MET A 270 -12.89 4.74 -13.93
C MET A 270 -12.66 3.25 -14.15
N GLY A 271 -13.31 2.44 -13.32
CA GLY A 271 -13.20 0.99 -13.39
C GLY A 271 -11.78 0.47 -13.37
N LEU A 272 -10.94 0.97 -12.46
CA LEU A 272 -9.55 0.53 -12.38
C LEU A 272 -9.13 0.12 -10.97
N PRO A 273 -9.84 -0.85 -10.37
CA PRO A 273 -9.47 -1.25 -9.01
C PRO A 273 -8.05 -1.81 -8.91
N GLY A 274 -7.67 -2.61 -9.90
CA GLY A 274 -6.34 -3.20 -9.90
C GLY A 274 -5.20 -2.20 -9.93
N PHE A 275 -5.54 -0.92 -10.00
CA PHE A 275 -4.54 0.14 -10.04
C PHE A 275 -4.21 0.68 -8.64
N ARG A 276 -5.05 0.35 -7.68
CA ARG A 276 -4.82 0.75 -6.30
C ARG A 276 -4.58 2.25 -6.15
N VAL A 277 -5.44 3.06 -6.75
CA VAL A 277 -5.31 4.51 -6.65
C VAL A 277 -6.21 5.03 -5.53
N GLY A 278 -5.69 4.98 -4.31
CA GLY A 278 -6.45 5.50 -3.19
C GLY A 278 -6.10 6.96 -3.03
N ILE A 279 -7.04 7.76 -2.59
CA ILE A 279 -6.78 9.18 -2.43
C ILE A 279 -7.39 9.70 -1.15
N ILE A 280 -6.57 10.42 -0.38
CA ILE A 280 -7.07 11.05 0.84
C ILE A 280 -6.95 12.55 0.62
N TYR A 281 -8.05 13.25 0.83
CA TYR A 281 -8.08 14.70 0.66
C TYR A 281 -8.67 15.37 1.90
N SER A 282 -7.78 15.80 2.79
CA SER A 282 -8.21 16.43 4.03
C SER A 282 -8.13 17.96 4.05
N PHE A 283 -9.11 18.59 4.68
CA PHE A 283 -9.15 20.04 4.80
C PHE A 283 -8.33 20.47 6.01
N ASN A 284 -7.75 19.47 6.68
CA ASN A 284 -6.91 19.64 7.86
C ASN A 284 -5.46 19.51 7.41
N ASP A 285 -4.65 20.54 7.64
CA ASP A 285 -3.25 20.50 7.22
C ASP A 285 -2.42 19.46 7.93
N ASP A 286 -2.73 19.22 9.19
CA ASP A 286 -2.00 18.22 9.96
C ASP A 286 -2.33 16.83 9.44
N VAL A 287 -3.62 16.56 9.25
CA VAL A 287 -4.06 15.27 8.72
C VAL A 287 -3.36 15.04 7.38
N VAL A 288 -3.30 16.09 6.56
CA VAL A 288 -2.64 16.00 5.28
C VAL A 288 -1.20 15.55 5.49
N ASN A 289 -0.49 16.17 6.44
CA ASN A 289 0.89 15.78 6.69
C ASN A 289 1.03 14.34 7.15
N CYS A 290 0.23 13.95 8.13
CA CYS A 290 0.26 12.59 8.67
C CYS A 290 -0.09 11.56 7.60
N ALA A 291 -1.15 11.83 6.84
CA ALA A 291 -1.59 10.95 5.78
C ALA A 291 -0.47 10.76 4.77
N ARG A 292 0.30 11.82 4.54
CA ARG A 292 1.39 11.72 3.58
C ARG A 292 2.46 10.79 4.12
N LYS A 293 2.83 10.95 5.39
CA LYS A 293 3.84 10.10 5.98
C LYS A 293 3.38 8.66 5.83
N MET A 294 2.09 8.44 6.05
CA MET A 294 1.54 7.11 5.93
C MET A 294 1.47 6.54 4.52
N SER A 295 1.50 7.40 3.51
CA SER A 295 1.40 6.92 2.15
C SER A 295 2.60 6.07 1.74
N SER A 296 3.67 6.11 2.52
CA SER A 296 4.81 5.29 2.15
C SER A 296 4.43 3.80 2.14
N PHE A 297 3.47 3.42 2.97
CA PHE A 297 3.01 2.04 3.05
C PHE A 297 2.12 1.60 1.90
N GLY A 298 1.48 2.56 1.24
CA GLY A 298 0.61 2.18 0.13
C GLY A 298 0.59 3.14 -1.03
N LEU A 299 1.75 3.39 -1.64
CA LEU A 299 1.87 4.32 -2.77
C LEU A 299 1.56 3.72 -4.14
N VAL A 300 0.88 4.51 -4.96
CA VAL A 300 0.56 4.11 -6.31
C VAL A 300 1.87 3.96 -7.04
N SER A 301 1.91 3.01 -7.97
CA SER A 301 3.11 2.78 -8.73
C SER A 301 3.40 3.91 -9.68
N THR A 302 4.62 4.45 -9.60
CA THR A 302 5.03 5.53 -10.47
C THR A 302 4.57 5.31 -11.92
N GLN A 303 4.49 4.05 -12.33
CA GLN A 303 4.07 3.67 -13.68
C GLN A 303 2.60 3.97 -13.89
N THR A 304 1.77 3.57 -12.93
CA THR A 304 0.32 3.80 -12.99
C THR A 304 0.05 5.31 -12.89
N GLN A 305 0.91 6.00 -12.15
CA GLN A 305 0.82 7.44 -11.96
C GLN A 305 1.03 8.14 -13.30
N TYR A 306 2.13 7.79 -13.96
CA TYR A 306 2.48 8.36 -15.25
C TYR A 306 1.31 8.18 -16.21
N PHE A 307 0.90 6.92 -16.39
CA PHE A 307 -0.21 6.58 -17.25
C PHE A 307 -1.43 7.45 -16.97
N LEU A 308 -1.90 7.42 -15.73
CA LEU A 308 -3.07 8.20 -15.34
C LEU A 308 -2.92 9.72 -15.55
N ALA A 309 -1.75 10.27 -15.23
CA ALA A 309 -1.50 11.69 -15.42
C ALA A 309 -1.79 12.02 -16.86
N ALA A 310 -1.35 11.13 -17.75
CA ALA A 310 -1.56 11.30 -19.19
C ALA A 310 -3.00 11.17 -19.61
N MET A 311 -3.75 10.27 -18.98
CA MET A 311 -5.15 10.05 -19.35
C MET A 311 -6.07 11.13 -18.79
N LEU A 312 -5.88 11.46 -17.52
CA LEU A 312 -6.68 12.45 -16.84
C LEU A 312 -6.34 13.89 -17.22
N SER A 313 -5.25 14.07 -17.96
CA SER A 313 -4.85 15.39 -18.43
C SER A 313 -5.43 15.64 -19.83
N ASP A 314 -6.33 14.77 -20.25
CA ASP A 314 -6.97 14.87 -21.55
C ASP A 314 -8.44 15.26 -21.36
N GLU A 315 -8.69 16.57 -21.30
CA GLU A 315 -10.02 17.13 -21.12
C GLU A 315 -11.07 16.47 -21.99
N LYS A 316 -10.75 16.24 -23.26
CA LYS A 316 -11.73 15.64 -24.15
C LYS A 316 -12.07 14.22 -23.71
N PHE A 317 -11.04 13.43 -23.40
CA PHE A 317 -11.27 12.07 -22.93
C PHE A 317 -12.11 12.15 -21.65
N VAL A 318 -11.64 12.95 -20.69
CA VAL A 318 -12.35 13.07 -19.42
C VAL A 318 -13.81 13.51 -19.61
N ASP A 319 -14.07 14.47 -20.47
CA ASP A 319 -15.46 14.91 -20.66
C ASP A 319 -16.28 13.79 -21.25
N ASN A 320 -15.81 13.23 -22.37
CA ASN A 320 -16.58 12.18 -23.01
C ASN A 320 -16.75 11.00 -22.11
N PHE A 321 -15.71 10.68 -21.34
CA PHE A 321 -15.77 9.54 -20.43
C PHE A 321 -16.90 9.70 -19.39
N LEU A 322 -16.85 10.79 -18.64
CA LEU A 322 -17.84 11.05 -17.61
C LEU A 322 -19.22 11.11 -18.21
N ARG A 323 -19.32 11.75 -19.37
CA ARG A 323 -20.62 11.88 -20.01
C ARG A 323 -21.14 10.52 -20.48
N GLU A 324 -20.28 9.73 -21.11
CA GLU A 324 -20.65 8.41 -21.61
C GLU A 324 -21.00 7.44 -20.49
N SER A 325 -20.21 7.50 -19.41
CA SER A 325 -20.44 6.63 -18.28
C SER A 325 -21.84 6.83 -17.72
N ALA A 326 -22.24 8.10 -17.56
CA ALA A 326 -23.55 8.41 -17.03
C ALA A 326 -24.68 7.86 -17.90
N MET A 327 -24.50 7.88 -19.21
CA MET A 327 -25.54 7.37 -20.10
C MET A 327 -25.62 5.85 -20.13
N ARG A 328 -24.47 5.19 -20.14
CA ARG A 328 -24.45 3.72 -20.15
C ARG A 328 -24.94 3.19 -18.82
N LEU A 329 -24.49 3.78 -17.73
CA LEU A 329 -24.96 3.34 -16.43
C LEU A 329 -26.47 3.63 -16.34
N GLY A 330 -26.90 4.69 -17.02
CA GLY A 330 -28.31 5.06 -17.03
C GLY A 330 -29.17 4.11 -17.87
N LYS A 331 -28.65 3.70 -19.03
CA LYS A 331 -29.37 2.78 -19.90
C LYS A 331 -29.50 1.41 -19.21
N ARG A 332 -28.40 0.94 -18.63
CA ARG A 332 -28.39 -0.34 -17.95
C ARG A 332 -29.27 -0.36 -16.70
N HIS A 333 -29.07 0.61 -15.81
CA HIS A 333 -29.86 0.65 -14.59
C HIS A 333 -31.36 0.61 -14.88
N LYS A 334 -31.82 1.46 -15.79
CA LYS A 334 -33.23 1.51 -16.14
C LYS A 334 -33.68 0.17 -16.71
N HIS A 335 -32.96 -0.29 -17.73
CA HIS A 335 -33.30 -1.56 -18.35
C HIS A 335 -33.42 -2.62 -17.29
N PHE A 336 -32.46 -2.67 -16.37
CA PHE A 336 -32.50 -3.69 -15.35
C PHE A 336 -33.68 -3.55 -14.41
N THR A 337 -33.96 -2.33 -14.03
CA THR A 337 -35.07 -2.13 -13.13
C THR A 337 -36.38 -2.35 -13.86
N ASN A 338 -36.48 -1.90 -15.10
CA ASN A 338 -37.73 -2.09 -15.85
C ASN A 338 -38.03 -3.56 -16.04
N GLY A 339 -36.99 -4.38 -16.04
CA GLY A 339 -37.18 -5.81 -16.20
C GLY A 339 -37.75 -6.39 -14.91
N LEU A 340 -37.15 -5.99 -13.79
CA LEU A 340 -37.57 -6.47 -12.48
C LEU A 340 -38.98 -6.01 -12.14
N GLU A 341 -39.42 -4.93 -12.78
CA GLU A 341 -40.74 -4.39 -12.53
C GLU A 341 -41.74 -5.14 -13.37
N VAL A 342 -41.27 -5.66 -14.50
CA VAL A 342 -42.12 -6.43 -15.40
C VAL A 342 -42.73 -7.55 -14.59
N VAL A 343 -41.97 -8.04 -13.62
CA VAL A 343 -42.42 -9.14 -12.77
C VAL A 343 -42.83 -8.71 -11.37
N GLY A 344 -42.99 -7.41 -11.18
CA GLY A 344 -43.40 -6.92 -9.87
C GLY A 344 -42.27 -6.58 -8.92
N ILE A 345 -41.09 -7.17 -9.10
CA ILE A 345 -39.96 -6.88 -8.23
C ILE A 345 -39.52 -5.43 -8.36
N LYS A 346 -39.47 -4.73 -7.23
CA LYS A 346 -39.06 -3.33 -7.22
C LYS A 346 -37.82 -3.12 -6.37
N CYS A 347 -37.12 -2.02 -6.64
CA CYS A 347 -35.92 -1.68 -5.91
C CYS A 347 -36.07 -0.30 -5.31
N LEU A 348 -35.09 0.10 -4.51
CA LEU A 348 -35.07 1.43 -3.92
C LEU A 348 -34.80 2.32 -5.14
N LYS A 349 -35.36 3.52 -5.16
CA LYS A 349 -35.14 4.41 -6.28
C LYS A 349 -33.76 5.04 -6.12
N ASN A 350 -32.89 4.84 -7.12
CA ASN A 350 -31.53 5.38 -7.08
C ASN A 350 -31.06 6.04 -8.38
N ASN A 351 -30.04 6.89 -8.26
CA ASN A 351 -29.49 7.62 -9.40
C ASN A 351 -27.99 7.43 -9.51
N ALA A 352 -27.45 6.52 -8.69
CA ALA A 352 -26.00 6.27 -8.69
C ALA A 352 -25.59 4.82 -8.42
N GLY A 353 -24.29 4.60 -8.29
CA GLY A 353 -23.84 3.26 -8.03
C GLY A 353 -23.75 2.37 -9.25
N LEU A 354 -23.42 1.12 -8.99
CA LEU A 354 -23.26 0.09 -10.01
C LEU A 354 -24.10 -1.11 -9.57
N PHE A 355 -25.25 -0.80 -8.97
CA PHE A 355 -26.10 -1.83 -8.41
C PHE A 355 -27.38 -1.18 -7.94
N CYS A 356 -28.34 -2.01 -7.52
CA CYS A 356 -29.58 -1.49 -6.97
C CYS A 356 -29.95 -2.28 -5.70
N TRP A 357 -30.67 -1.62 -4.80
CA TRP A 357 -31.11 -2.16 -3.53
C TRP A 357 -32.46 -2.87 -3.77
N MET A 358 -32.38 -4.12 -4.20
CA MET A 358 -33.54 -4.94 -4.52
C MET A 358 -34.36 -5.38 -3.31
N ASP A 359 -35.66 -5.14 -3.35
CA ASP A 359 -36.54 -5.52 -2.26
C ASP A 359 -37.22 -6.87 -2.50
N LEU A 360 -36.71 -7.91 -1.84
CA LEU A 360 -37.28 -9.24 -1.97
C LEU A 360 -37.98 -9.63 -0.67
N ARG A 361 -38.53 -8.63 0.04
CA ARG A 361 -39.24 -8.90 1.28
C ARG A 361 -40.47 -9.78 1.05
N PRO A 362 -41.18 -9.57 -0.07
CA PRO A 362 -42.37 -10.38 -0.37
C PRO A 362 -42.11 -11.83 -0.80
N LEU A 363 -40.84 -12.21 -0.98
CA LEU A 363 -40.52 -13.59 -1.34
C LEU A 363 -40.13 -14.36 -0.07
N LEU A 364 -40.05 -13.63 1.04
CA LEU A 364 -39.67 -14.21 2.33
C LEU A 364 -40.85 -14.94 3.00
N ARG A 365 -40.55 -15.66 4.07
CA ARG A 365 -41.57 -16.39 4.79
C ARG A 365 -41.81 -15.71 6.14
N GLU A 366 -40.78 -15.05 6.65
CA GLU A 366 -40.84 -14.34 7.91
C GLU A 366 -39.83 -13.22 7.91
N SER A 367 -40.15 -12.11 8.55
CA SER A 367 -39.22 -10.99 8.62
C SER A 367 -38.08 -11.29 9.58
N THR A 368 -37.35 -12.36 9.27
CA THR A 368 -36.20 -12.79 10.05
C THR A 368 -35.06 -13.05 9.08
N PHE A 369 -33.85 -12.66 9.46
CA PHE A 369 -32.69 -12.85 8.61
C PHE A 369 -32.45 -14.31 8.28
N ASP A 370 -33.18 -15.19 8.96
CA ASP A 370 -33.06 -16.62 8.75
C ASP A 370 -33.84 -16.98 7.49
N SER A 371 -34.75 -16.10 7.11
CA SER A 371 -35.55 -16.31 5.93
C SER A 371 -34.80 -15.69 4.74
N GLU A 372 -34.15 -14.57 4.99
CA GLU A 372 -33.38 -13.88 3.98
C GLU A 372 -32.27 -14.81 3.50
N MET A 373 -31.60 -15.47 4.44
CA MET A 373 -30.51 -16.39 4.14
C MET A 373 -30.99 -17.64 3.43
N SER A 374 -32.22 -18.03 3.73
CA SER A 374 -32.84 -19.20 3.13
C SER A 374 -33.04 -18.87 1.67
N LEU A 375 -33.61 -17.70 1.43
CA LEU A 375 -33.87 -17.21 0.09
C LEU A 375 -32.53 -17.00 -0.60
N TRP A 376 -31.58 -16.40 0.11
CA TRP A 376 -30.29 -16.15 -0.51
C TRP A 376 -29.72 -17.41 -1.15
N ARG A 377 -29.75 -18.51 -0.42
CA ARG A 377 -29.23 -19.77 -0.94
C ARG A 377 -29.95 -20.18 -2.22
N VAL A 378 -31.27 -20.12 -2.19
CA VAL A 378 -32.08 -20.47 -3.35
C VAL A 378 -31.60 -19.66 -4.56
N ILE A 379 -31.42 -18.37 -4.35
CA ILE A 379 -30.97 -17.46 -5.39
C ILE A 379 -29.57 -17.82 -5.91
N ILE A 380 -28.68 -18.27 -5.03
CA ILE A 380 -27.31 -18.59 -5.44
C ILE A 380 -27.00 -20.04 -5.82
N ASN A 381 -27.99 -20.92 -5.76
CA ASN A 381 -27.74 -22.32 -6.11
C ASN A 381 -28.65 -22.73 -7.27
N ASP A 382 -29.94 -22.54 -7.07
CA ASP A 382 -30.94 -22.92 -8.06
C ASP A 382 -31.19 -21.85 -9.13
N VAL A 383 -31.06 -20.57 -8.78
CA VAL A 383 -31.26 -19.52 -9.77
C VAL A 383 -29.89 -19.21 -10.38
N LYS A 384 -28.85 -19.62 -9.67
CA LYS A 384 -27.46 -19.46 -10.12
C LYS A 384 -27.03 -18.01 -10.28
N LEU A 385 -27.50 -17.14 -9.39
CA LEU A 385 -27.13 -15.73 -9.45
C LEU A 385 -26.42 -15.35 -8.17
N ASN A 386 -25.22 -14.80 -8.26
CA ASN A 386 -24.55 -14.39 -7.04
C ASN A 386 -24.79 -12.94 -6.67
N VAL A 387 -25.62 -12.72 -5.65
CA VAL A 387 -25.92 -11.38 -5.17
C VAL A 387 -25.44 -11.23 -3.73
N SER A 388 -25.85 -10.15 -3.09
CA SER A 388 -25.45 -9.93 -1.71
C SER A 388 -26.66 -9.78 -0.80
N PRO A 389 -26.66 -10.50 0.33
CA PRO A 389 -27.76 -10.46 1.30
C PRO A 389 -27.67 -9.19 2.16
N GLY A 390 -28.77 -8.45 2.23
CA GLY A 390 -28.81 -7.23 3.01
C GLY A 390 -28.10 -7.29 4.34
N SER A 391 -28.24 -8.41 5.05
CA SER A 391 -27.59 -8.59 6.35
C SER A 391 -26.07 -8.48 6.30
N SER A 392 -25.46 -8.75 5.15
CA SER A 392 -23.99 -8.64 5.04
C SER A 392 -23.61 -7.16 5.03
N PHE A 393 -24.61 -6.29 4.88
CA PHE A 393 -24.39 -4.84 4.88
C PHE A 393 -24.91 -4.26 6.19
N GLU A 394 -25.09 -5.13 7.18
CA GLU A 394 -25.57 -4.71 8.48
C GLU A 394 -26.96 -4.09 8.42
N CYS A 395 -27.68 -4.34 7.34
CA CYS A 395 -29.03 -3.81 7.18
C CYS A 395 -29.89 -4.42 8.28
N GLN A 396 -30.51 -3.56 9.08
CA GLN A 396 -31.33 -3.99 10.20
C GLN A 396 -32.68 -4.66 9.85
N GLU A 397 -33.10 -4.63 8.59
CA GLU A 397 -34.34 -5.31 8.22
C GLU A 397 -34.00 -6.30 7.10
N PRO A 398 -34.56 -7.51 7.18
CA PRO A 398 -34.32 -8.57 6.19
C PRO A 398 -35.03 -8.36 4.87
N GLY A 399 -34.61 -9.09 3.85
CA GLY A 399 -35.27 -9.01 2.56
C GLY A 399 -34.65 -8.17 1.47
N TRP A 400 -33.66 -7.36 1.79
CA TRP A 400 -33.02 -6.52 0.78
C TRP A 400 -31.75 -7.16 0.25
N PHE A 401 -31.49 -6.99 -1.04
CA PHE A 401 -30.30 -7.55 -1.68
C PHE A 401 -29.66 -6.57 -2.66
N ARG A 402 -28.33 -6.50 -2.63
CA ARG A 402 -27.61 -5.64 -3.55
C ARG A 402 -27.34 -6.48 -4.81
N VAL A 403 -27.73 -5.96 -5.98
CA VAL A 403 -27.50 -6.69 -7.22
C VAL A 403 -26.71 -5.84 -8.22
N CYS A 404 -25.45 -6.20 -8.45
CA CYS A 404 -24.59 -5.43 -9.37
C CYS A 404 -24.81 -5.70 -10.85
N PHE A 405 -25.16 -4.65 -11.59
CA PHE A 405 -25.43 -4.74 -13.01
C PHE A 405 -24.51 -3.96 -13.95
N ALA A 406 -23.30 -3.62 -13.50
CA ALA A 406 -22.39 -2.84 -14.34
C ALA A 406 -21.11 -3.55 -14.79
N ASN A 407 -21.02 -4.86 -14.58
CA ASN A 407 -19.81 -5.54 -15.01
C ASN A 407 -20.01 -6.53 -16.16
N MET A 408 -21.26 -6.89 -16.45
CA MET A 408 -21.53 -7.83 -17.54
C MET A 408 -22.05 -7.20 -18.83
N ASP A 409 -22.39 -8.06 -19.79
CA ASP A 409 -22.92 -7.67 -21.10
C ASP A 409 -24.43 -7.50 -21.03
N ASP A 410 -25.00 -6.88 -22.07
CA ASP A 410 -26.44 -6.69 -22.12
C ASP A 410 -27.07 -8.06 -22.23
N GLY A 411 -26.35 -8.98 -22.87
CA GLY A 411 -26.85 -10.33 -23.05
C GLY A 411 -26.96 -11.02 -21.70
N THR A 412 -25.93 -10.88 -20.89
CA THR A 412 -25.92 -11.50 -19.58
C THR A 412 -27.02 -10.95 -18.67
N VAL A 413 -27.25 -9.65 -18.69
CA VAL A 413 -28.27 -9.05 -17.83
C VAL A 413 -29.65 -9.60 -18.13
N ASP A 414 -29.94 -9.81 -19.40
CA ASP A 414 -31.25 -10.33 -19.75
C ASP A 414 -31.35 -11.79 -19.33
N ILE A 415 -30.23 -12.50 -19.44
CA ILE A 415 -30.20 -13.90 -19.01
C ILE A 415 -30.55 -13.91 -17.54
N ALA A 416 -29.85 -13.05 -16.79
CA ALA A 416 -30.05 -12.93 -15.35
C ALA A 416 -31.50 -12.54 -15.03
N LEU A 417 -32.05 -11.61 -15.80
CA LEU A 417 -33.42 -11.15 -15.59
C LEU A 417 -34.37 -12.30 -15.87
N ALA A 418 -34.04 -13.07 -16.91
CA ALA A 418 -34.84 -14.21 -17.31
C ALA A 418 -34.94 -15.19 -16.15
N ARG A 419 -33.79 -15.56 -15.59
CA ARG A 419 -33.76 -16.48 -14.47
C ARG A 419 -34.65 -15.97 -13.35
N ILE A 420 -34.64 -14.65 -13.16
CA ILE A 420 -35.42 -14.01 -12.11
C ILE A 420 -36.90 -14.01 -12.44
N ARG A 421 -37.22 -13.73 -13.70
CA ARG A 421 -38.60 -13.70 -14.17
C ARG A 421 -39.21 -15.09 -13.92
N ARG A 422 -38.37 -16.12 -13.93
CA ARG A 422 -38.80 -17.49 -13.68
C ARG A 422 -39.03 -17.71 -12.18
N PHE A 423 -37.94 -17.66 -11.43
CA PHE A 423 -37.99 -17.84 -9.99
C PHE A 423 -39.20 -17.13 -9.38
N VAL A 424 -39.43 -15.88 -9.78
CA VAL A 424 -40.57 -15.13 -9.27
C VAL A 424 -41.86 -15.80 -9.76
N GLY A 425 -41.83 -16.26 -11.00
CA GLY A 425 -42.99 -16.93 -11.57
C GLY A 425 -43.43 -18.09 -10.71
N VAL A 426 -42.53 -19.05 -10.50
CA VAL A 426 -42.81 -20.23 -9.68
C VAL A 426 -42.53 -19.92 -8.20
N GLU A 427 -43.31 -19.00 -7.65
CA GLU A 427 -43.20 -18.59 -6.26
C GLU A 427 -44.59 -18.10 -5.85
N LYS A 428 -45.50 -18.15 -6.82
CA LYS A 428 -46.88 -17.73 -6.59
C LYS A 428 -47.74 -17.99 -7.83
N ILE B 1 -9.57 17.22 17.57
CA ILE B 1 -8.74 16.12 18.16
C ILE B 1 -8.25 15.12 17.13
N LEU B 2 -6.95 15.10 16.89
CA LEU B 2 -6.39 14.14 15.96
C LEU B 2 -5.88 12.97 16.79
N SER B 3 -5.73 11.80 16.17
CA SER B 3 -5.24 10.62 16.87
C SER B 3 -3.87 10.89 17.48
N LYS B 4 -3.36 9.97 18.28
CA LYS B 4 -2.05 10.16 18.88
C LYS B 4 -0.97 10.08 17.82
N LEU B 5 -1.14 9.19 16.85
CA LEU B 5 -0.17 9.03 15.79
C LEU B 5 0.02 10.35 15.05
N ALA B 6 -1.07 10.91 14.56
CA ALA B 6 -1.01 12.15 13.82
C ALA B 6 -0.68 13.30 14.74
N THR B 7 -1.13 13.19 15.99
CA THR B 7 -0.90 14.24 16.98
C THR B 7 0.57 14.36 17.41
N ASN B 8 1.29 13.24 17.43
CA ASN B 8 2.70 13.28 17.84
C ASN B 8 3.64 13.66 16.69
N GLU B 9 3.19 14.55 15.81
CA GLU B 9 4.00 14.98 14.69
C GLU B 9 3.80 16.47 14.34
N SER B 15 13.43 17.13 13.78
CA SER B 15 14.13 17.12 12.47
C SER B 15 15.59 17.56 12.63
N PRO B 16 16.49 16.60 12.92
CA PRO B 16 17.91 16.94 13.10
C PRO B 16 18.82 16.33 12.04
N TYR B 17 18.65 15.02 11.80
CA TYR B 17 19.45 14.29 10.82
C TYR B 17 19.02 14.58 9.38
N PHE B 18 18.09 15.51 9.22
CA PHE B 18 17.58 15.89 7.91
C PHE B 18 18.38 17.05 7.31
N ASP B 19 19.43 17.47 8.02
CA ASP B 19 20.28 18.57 7.59
C ASP B 19 20.85 18.41 6.19
N GLY B 20 21.42 17.24 5.91
CA GLY B 20 21.98 17.01 4.61
C GLY B 20 20.86 16.84 3.62
N TRP B 21 19.73 16.34 4.11
CA TRP B 21 18.58 16.14 3.26
C TRP B 21 18.16 17.42 2.51
N LYS B 22 18.02 18.53 3.23
CA LYS B 22 17.62 19.79 2.61
C LYS B 22 18.79 20.54 2.00
N ALA B 23 19.98 20.37 2.59
CA ALA B 23 21.14 21.04 2.04
C ALA B 23 21.16 20.63 0.58
N TYR B 24 20.87 19.36 0.34
CA TYR B 24 20.83 18.87 -1.04
C TYR B 24 19.70 19.58 -1.78
N ASP B 25 18.46 19.32 -1.36
CA ASP B 25 17.29 19.91 -2.00
C ASP B 25 17.40 21.40 -2.26
N SER B 26 18.16 22.09 -1.43
CA SER B 26 18.34 23.53 -1.60
C SER B 26 19.51 23.90 -2.49
N ASP B 27 20.16 22.89 -3.06
CA ASP B 27 21.36 23.16 -3.87
C ASP B 27 21.84 21.86 -4.53
N PRO B 28 20.93 21.15 -5.21
CA PRO B 28 21.29 19.90 -5.87
C PRO B 28 22.32 20.04 -6.98
N PHE B 29 23.35 19.21 -6.93
CA PHE B 29 24.39 19.23 -7.94
C PHE B 29 23.82 18.80 -9.28
N HIS B 30 24.23 19.49 -10.34
CA HIS B 30 23.83 19.18 -11.71
C HIS B 30 24.97 19.67 -12.59
N PRO B 31 25.56 18.76 -13.39
CA PRO B 31 26.68 19.06 -14.29
C PRO B 31 26.60 20.37 -15.07
N LEU B 32 25.39 20.78 -15.42
CA LEU B 32 25.21 21.99 -16.20
C LEU B 32 24.52 23.14 -15.46
N LYS B 33 23.56 22.79 -14.60
CA LYS B 33 22.78 23.78 -13.84
C LYS B 33 23.38 24.29 -12.51
N ASN B 34 24.18 23.47 -11.86
CA ASN B 34 24.80 23.83 -10.57
C ASN B 34 25.94 22.84 -10.28
N PRO B 35 27.01 22.92 -11.07
CA PRO B 35 28.20 22.07 -10.94
C PRO B 35 28.95 22.11 -9.60
N ASN B 36 28.50 22.93 -8.67
CA ASN B 36 29.18 22.98 -7.38
C ASN B 36 28.24 22.67 -6.21
N GLY B 37 26.99 22.39 -6.54
CA GLY B 37 26.00 22.08 -5.53
C GLY B 37 26.29 20.79 -4.80
N VAL B 38 25.48 20.49 -3.80
CA VAL B 38 25.66 19.28 -3.00
C VAL B 38 25.39 18.02 -3.82
N ILE B 39 26.29 17.03 -3.69
CA ILE B 39 26.13 15.76 -4.40
C ILE B 39 25.45 14.72 -3.52
N GLN B 40 24.28 14.27 -3.95
CA GLN B 40 23.48 13.30 -3.24
C GLN B 40 24.18 11.96 -3.06
N MET B 41 24.64 11.68 -1.84
CA MET B 41 25.29 10.41 -1.55
C MET B 41 24.67 9.75 -0.32
N GLY B 42 23.45 10.15 0.02
CA GLY B 42 22.78 9.61 1.19
C GLY B 42 21.65 8.62 0.95
N LEU B 43 21.22 8.48 -0.30
CA LEU B 43 20.16 7.54 -0.64
C LEU B 43 20.72 6.27 -1.28
N ALA B 44 20.35 5.13 -0.73
CA ALA B 44 20.80 3.84 -1.24
C ALA B 44 19.97 3.45 -2.45
N GLU B 45 20.34 4.01 -3.61
CA GLU B 45 19.67 3.76 -4.87
C GLU B 45 20.61 3.05 -5.84
N ASN B 46 20.06 2.21 -6.70
CA ASN B 46 20.86 1.46 -7.66
C ASN B 46 20.44 1.77 -9.09
N GLN B 47 21.12 2.73 -9.71
CA GLN B 47 20.80 3.13 -11.07
C GLN B 47 21.85 2.68 -12.08
N LEU B 48 22.81 1.87 -11.65
CA LEU B 48 23.86 1.40 -12.56
C LEU B 48 23.36 0.52 -13.69
N CYS B 49 22.15 -0.04 -13.56
CA CYS B 49 21.64 -0.92 -14.60
C CYS B 49 20.25 -0.60 -15.16
N LEU B 50 19.85 0.66 -15.13
CA LEU B 50 18.54 1.02 -15.65
C LEU B 50 18.58 0.93 -17.17
N ASP B 51 19.74 1.26 -17.73
CA ASP B 51 19.96 1.22 -19.16
C ASP B 51 19.59 -0.16 -19.68
N LEU B 52 19.97 -1.18 -18.92
CA LEU B 52 19.67 -2.58 -19.28
C LEU B 52 18.17 -2.85 -19.23
N ILE B 53 17.45 -2.17 -18.35
CA ILE B 53 16.02 -2.36 -18.27
C ILE B 53 15.36 -1.60 -19.42
N GLU B 54 15.91 -0.43 -19.76
CA GLU B 54 15.37 0.38 -20.87
C GLU B 54 15.52 -0.41 -22.18
N ASP B 55 16.72 -0.95 -22.40
CA ASP B 55 17.01 -1.74 -23.60
C ASP B 55 15.96 -2.82 -23.73
N TRP B 56 15.59 -3.38 -22.58
CA TRP B 56 14.61 -4.45 -22.54
C TRP B 56 13.20 -3.96 -22.83
N ILE B 57 12.75 -2.94 -22.12
CA ILE B 57 11.39 -2.40 -22.31
C ILE B 57 11.16 -2.04 -23.77
N LYS B 58 12.26 -1.89 -24.51
CA LYS B 58 12.18 -1.55 -25.92
C LYS B 58 11.87 -2.77 -26.78
N ARG B 59 12.93 -3.50 -27.07
CA ARG B 59 12.90 -4.65 -27.95
C ARG B 59 12.62 -6.06 -27.42
N ASN B 60 13.21 -6.42 -26.28
CA ASN B 60 13.11 -7.78 -25.73
C ASN B 60 11.99 -8.23 -24.76
N PRO B 61 10.70 -7.96 -25.04
CA PRO B 61 9.99 -7.30 -26.14
C PRO B 61 9.56 -5.90 -25.75
N LYS B 62 8.25 -5.73 -25.58
CA LYS B 62 7.66 -4.47 -25.17
C LYS B 62 7.15 -4.67 -23.74
N GLY B 63 6.30 -5.67 -23.54
CA GLY B 63 5.78 -5.98 -22.22
C GLY B 63 4.52 -5.29 -21.75
N SER B 64 4.64 -4.03 -21.34
CA SER B 64 3.50 -3.26 -20.83
C SER B 64 2.43 -2.86 -21.85
N ILE B 65 1.20 -2.69 -21.36
CA ILE B 65 0.04 -2.29 -22.18
C ILE B 65 -0.47 -0.90 -21.80
N SER B 72 -6.03 -7.32 -23.45
CA SER B 72 -5.94 -7.95 -22.08
C SER B 72 -5.90 -6.90 -20.97
N PHE B 73 -6.09 -5.63 -21.36
CA PHE B 73 -6.09 -4.51 -20.43
C PHE B 73 -7.21 -4.71 -19.43
N LYS B 74 -8.40 -4.97 -19.94
CA LYS B 74 -9.57 -5.18 -19.12
C LYS B 74 -9.29 -6.14 -17.96
N ALA B 75 -8.60 -7.23 -18.26
CA ALA B 75 -8.26 -8.24 -17.26
C ALA B 75 -7.39 -7.66 -16.15
N ILE B 76 -6.26 -7.07 -16.50
CA ILE B 76 -5.39 -6.52 -15.48
C ILE B 76 -6.01 -5.29 -14.81
N ALA B 77 -6.87 -4.59 -15.55
CA ALA B 77 -7.54 -3.40 -15.03
C ALA B 77 -8.60 -3.71 -13.98
N ASN B 78 -9.25 -4.87 -14.11
CA ASN B 78 -10.30 -5.25 -13.19
C ASN B 78 -9.87 -6.31 -12.19
N PHE B 79 -8.72 -6.91 -12.42
CA PHE B 79 -8.23 -7.95 -11.52
C PHE B 79 -7.93 -7.29 -10.20
N GLN B 80 -8.37 -7.91 -9.12
CA GLN B 80 -8.11 -7.32 -7.82
C GLN B 80 -8.02 -8.35 -6.71
N ASP B 81 -7.44 -9.50 -7.01
CA ASP B 81 -7.30 -10.54 -6.01
C ASP B 81 -6.00 -10.40 -5.22
N TYR B 82 -6.09 -10.51 -3.89
CA TYR B 82 -4.94 -10.39 -3.00
C TYR B 82 -3.79 -11.35 -3.30
N HIS B 83 -3.99 -12.21 -4.29
CA HIS B 83 -2.98 -13.19 -4.69
C HIS B 83 -2.19 -12.62 -5.86
N GLY B 84 -2.82 -11.72 -6.60
CA GLY B 84 -2.16 -11.12 -7.74
C GLY B 84 -2.19 -12.03 -8.95
N LEU B 85 -1.56 -11.59 -10.03
CA LEU B 85 -1.52 -12.39 -11.25
C LEU B 85 -0.58 -13.55 -11.01
N PRO B 86 -1.03 -14.79 -11.30
CA PRO B 86 -0.22 -15.99 -11.12
C PRO B 86 1.22 -15.83 -11.63
N GLU B 87 1.39 -15.29 -12.84
CA GLU B 87 2.71 -15.10 -13.43
C GLU B 87 3.58 -14.22 -12.55
N PHE B 88 2.96 -13.25 -11.88
CA PHE B 88 3.71 -12.38 -11.01
C PHE B 88 4.37 -13.26 -9.94
N ARG B 89 3.56 -13.94 -9.14
CA ARG B 89 4.07 -14.81 -8.09
C ARG B 89 5.15 -15.76 -8.59
N LYS B 90 4.90 -16.37 -9.74
CA LYS B 90 5.85 -17.31 -10.34
C LYS B 90 7.17 -16.63 -10.65
N ALA B 91 7.07 -15.47 -11.28
CA ALA B 91 8.25 -14.70 -11.66
C ALA B 91 9.07 -14.28 -10.44
N ILE B 92 8.40 -13.76 -9.42
CA ILE B 92 9.11 -13.33 -8.23
C ILE B 92 9.84 -14.55 -7.64
N ALA B 93 9.10 -15.63 -7.41
CA ALA B 93 9.67 -16.86 -6.86
C ALA B 93 10.84 -17.29 -7.74
N LYS B 94 10.64 -17.25 -9.05
CA LYS B 94 11.71 -17.62 -9.98
C LYS B 94 12.91 -16.69 -9.78
N PHE B 95 12.64 -15.39 -9.77
CA PHE B 95 13.71 -14.40 -9.61
C PHE B 95 14.42 -14.56 -8.28
N MET B 96 13.66 -14.83 -7.22
CA MET B 96 14.28 -15.01 -5.91
C MET B 96 15.24 -16.20 -5.96
N GLU B 97 14.86 -17.22 -6.72
CA GLU B 97 15.69 -18.40 -6.84
C GLU B 97 17.04 -18.09 -7.47
N LYS B 98 17.04 -17.57 -8.69
CA LYS B 98 18.31 -17.27 -9.33
C LYS B 98 19.15 -16.36 -8.46
N THR B 99 18.50 -15.50 -7.70
CA THR B 99 19.25 -14.60 -6.84
C THR B 99 20.08 -15.38 -5.82
N ARG B 100 19.49 -16.46 -5.30
CA ARG B 100 20.16 -17.31 -4.32
C ARG B 100 20.83 -18.52 -4.97
N GLY B 101 21.29 -18.34 -6.20
CA GLY B 101 21.98 -19.39 -6.94
C GLY B 101 21.23 -20.71 -7.09
N GLY B 102 19.91 -20.65 -7.26
CA GLY B 102 19.13 -21.87 -7.41
C GLY B 102 19.30 -22.82 -6.23
N ARG B 103 20.20 -22.45 -5.32
CA ARG B 103 20.49 -23.26 -4.16
C ARG B 103 19.24 -23.67 -3.39
N VAL B 104 18.16 -22.91 -3.58
CA VAL B 104 16.90 -23.19 -2.93
C VAL B 104 15.76 -22.92 -3.90
N ARG B 105 14.57 -23.34 -3.52
CA ARG B 105 13.40 -23.12 -4.35
C ARG B 105 12.36 -22.39 -3.54
N PHE B 106 11.51 -21.62 -4.23
CA PHE B 106 10.46 -20.89 -3.56
C PHE B 106 9.10 -21.25 -4.12
N ASP B 107 8.12 -21.44 -3.23
CA ASP B 107 6.77 -21.77 -3.65
C ASP B 107 5.97 -20.48 -3.87
N PRO B 108 5.69 -20.15 -5.14
CA PRO B 108 4.94 -18.96 -5.52
C PRO B 108 3.61 -18.77 -4.79
N GLU B 109 2.96 -19.87 -4.43
CA GLU B 109 1.71 -19.77 -3.70
C GLU B 109 1.95 -19.01 -2.41
N ARG B 110 3.20 -19.01 -1.95
CA ARG B 110 3.56 -18.33 -0.72
C ARG B 110 3.90 -16.85 -0.91
N VAL B 111 4.16 -16.45 -2.15
CA VAL B 111 4.52 -15.07 -2.45
C VAL B 111 3.38 -14.11 -2.12
N VAL B 112 3.70 -13.09 -1.34
CA VAL B 112 2.73 -12.07 -0.93
C VAL B 112 3.23 -10.66 -1.23
N MET B 113 2.28 -9.77 -1.52
CA MET B 113 2.61 -8.40 -1.87
C MET B 113 2.48 -7.43 -0.69
N ALA B 114 3.19 -6.31 -0.81
CA ALA B 114 3.18 -5.24 0.19
C ALA B 114 3.66 -3.96 -0.48
N GLY B 115 3.34 -2.83 0.14
CA GLY B 115 3.75 -1.55 -0.41
C GLY B 115 5.24 -1.38 -0.21
N GLY B 116 6.04 -2.03 -1.07
CA GLY B 116 7.48 -1.95 -0.96
C GLY B 116 7.99 -2.64 0.29
N ALA B 117 9.28 -2.55 0.55
CA ALA B 117 9.83 -3.18 1.74
C ALA B 117 9.22 -2.49 2.95
N THR B 118 8.90 -1.21 2.79
CA THR B 118 8.28 -0.42 3.85
C THR B 118 7.07 -1.20 4.38
N GLY B 119 6.11 -1.45 3.49
CA GLY B 119 4.92 -2.19 3.88
C GLY B 119 5.14 -3.65 4.25
N ALA B 120 6.11 -4.31 3.63
CA ALA B 120 6.37 -5.69 3.97
C ALA B 120 6.83 -5.73 5.42
N ASN B 121 7.68 -4.77 5.78
CA ASN B 121 8.19 -4.71 7.14
C ASN B 121 7.05 -4.44 8.11
N GLU B 122 6.35 -3.34 7.93
CA GLU B 122 5.25 -3.02 8.83
C GLU B 122 4.23 -4.16 8.93
N THR B 123 4.00 -4.85 7.82
CA THR B 123 3.03 -5.94 7.82
C THR B 123 3.50 -7.15 8.62
N ILE B 124 4.72 -7.63 8.35
CA ILE B 124 5.23 -8.78 9.05
C ILE B 124 5.22 -8.46 10.55
N ILE B 125 5.56 -7.25 10.95
CA ILE B 125 5.54 -6.92 12.36
C ILE B 125 4.10 -7.02 12.88
N PHE B 126 3.16 -6.41 12.16
CA PHE B 126 1.75 -6.48 12.57
C PHE B 126 1.36 -7.95 12.79
N CYS B 127 1.99 -8.84 12.02
CA CYS B 127 1.72 -10.28 12.07
C CYS B 127 2.45 -11.09 13.15
N LEU B 128 3.52 -10.56 13.72
CA LEU B 128 4.27 -11.32 14.71
C LEU B 128 4.40 -10.71 16.11
N ALA B 129 4.03 -9.44 16.26
CA ALA B 129 4.17 -8.80 17.55
C ALA B 129 3.00 -7.91 17.88
N ASP B 130 2.68 -7.79 19.17
CA ASP B 130 1.57 -6.94 19.61
C ASP B 130 2.12 -5.62 20.09
N PRO B 131 1.24 -4.63 20.28
CA PRO B 131 1.73 -3.34 20.76
C PRO B 131 2.33 -3.63 22.11
N GLY B 132 3.48 -3.06 22.40
CA GLY B 132 4.10 -3.28 23.69
C GLY B 132 5.25 -4.25 23.56
N ASP B 133 5.10 -5.27 22.71
CA ASP B 133 6.17 -6.26 22.52
C ASP B 133 7.40 -5.60 21.90
N ALA B 134 8.51 -6.31 21.89
CA ALA B 134 9.72 -5.77 21.32
C ALA B 134 10.38 -6.70 20.31
N PHE B 135 11.14 -6.10 19.40
CA PHE B 135 11.84 -6.86 18.39
C PHE B 135 13.30 -6.46 18.50
N LEU B 136 14.16 -7.47 18.47
CA LEU B 136 15.60 -7.27 18.54
C LEU B 136 16.14 -6.89 17.16
N VAL B 137 17.02 -5.89 17.11
CA VAL B 137 17.59 -5.48 15.83
C VAL B 137 19.07 -5.22 16.01
N PRO B 138 19.91 -5.81 15.15
CA PRO B 138 21.33 -5.53 15.33
C PRO B 138 21.59 -4.11 14.82
N SER B 139 22.52 -3.40 15.44
CA SER B 139 22.87 -2.05 14.99
C SER B 139 24.32 -2.06 14.52
N PRO B 140 24.69 -1.15 13.60
CA PRO B 140 23.84 -0.14 12.98
C PRO B 140 22.74 -0.76 12.14
N TYR B 141 21.60 -0.08 12.07
CA TYR B 141 20.49 -0.57 11.30
C TYR B 141 19.71 0.55 10.61
N TYR B 142 19.29 0.24 9.38
CA TYR B 142 18.49 1.09 8.52
C TYR B 142 17.45 1.82 9.39
N PRO B 143 17.57 3.16 9.49
CA PRO B 143 16.67 4.03 10.28
C PRO B 143 15.17 4.02 9.98
N ALA B 144 14.78 3.62 8.78
CA ALA B 144 13.36 3.58 8.43
C ALA B 144 12.66 2.63 9.40
N PHE B 145 13.42 1.69 9.93
CA PHE B 145 12.88 0.74 10.89
C PHE B 145 12.19 1.46 12.04
N ASN B 146 12.85 2.49 12.56
CA ASN B 146 12.29 3.23 13.69
C ASN B 146 10.85 3.65 13.49
N ARG B 147 10.47 3.91 12.25
CA ARG B 147 9.09 4.30 11.93
C ARG B 147 8.35 3.07 11.42
N ASP B 148 8.91 2.46 10.39
CA ASP B 148 8.36 1.28 9.76
C ASP B 148 7.89 0.15 10.68
N LEU B 149 8.78 -0.30 11.56
CA LEU B 149 8.45 -1.38 12.44
C LEU B 149 7.77 -0.91 13.72
N ARG B 150 7.92 0.37 14.04
CA ARG B 150 7.35 0.92 15.27
C ARG B 150 6.17 1.91 15.21
N TRP B 151 6.05 2.70 14.15
CA TRP B 151 4.98 3.70 14.13
C TRP B 151 3.52 3.29 14.29
N ARG B 152 2.99 2.44 13.42
CA ARG B 152 1.60 2.07 13.60
C ARG B 152 1.41 0.69 14.22
N THR B 153 2.52 0.02 14.51
CA THR B 153 2.47 -1.32 15.10
C THR B 153 2.45 -1.31 16.62
N GLY B 154 3.03 -0.26 17.20
CA GLY B 154 3.11 -0.15 18.65
C GLY B 154 4.27 -0.96 19.22
N VAL B 155 4.82 -1.83 18.38
CA VAL B 155 5.95 -2.67 18.75
C VAL B 155 7.15 -1.76 18.95
N GLN B 156 8.09 -2.19 19.77
CA GLN B 156 9.29 -1.40 20.03
C GLN B 156 10.55 -2.14 19.61
N LEU B 157 11.66 -1.42 19.57
CA LEU B 157 12.92 -2.01 19.18
C LEU B 157 13.96 -2.09 20.29
N ILE B 158 14.79 -3.12 20.24
CA ILE B 158 15.83 -3.31 21.23
C ILE B 158 17.06 -3.71 20.44
N PRO B 159 18.05 -2.82 20.43
CA PRO B 159 19.31 -3.03 19.70
C PRO B 159 20.27 -4.08 20.26
N ILE B 160 21.00 -4.68 19.33
CA ILE B 160 22.02 -5.68 19.62
C ILE B 160 23.32 -5.00 19.22
N HIS B 161 24.16 -4.75 20.20
CA HIS B 161 25.44 -4.09 20.00
C HIS B 161 26.35 -4.72 18.95
N CYS B 162 27.17 -3.88 18.33
CA CYS B 162 28.14 -4.29 17.33
C CYS B 162 29.26 -3.25 17.27
N GLU B 163 30.51 -3.71 17.29
CA GLU B 163 31.67 -2.83 17.23
C GLU B 163 32.45 -2.93 15.94
N SER B 164 33.36 -1.98 15.77
CA SER B 164 34.21 -1.95 14.61
C SER B 164 35.36 -2.92 14.82
N SER B 165 35.71 -3.17 16.08
CA SER B 165 36.80 -4.06 16.40
C SER B 165 36.64 -5.41 15.72
N ASN B 166 35.40 -5.84 15.52
CA ASN B 166 35.16 -7.13 14.88
C ASN B 166 34.36 -7.02 13.59
N ASN B 167 34.41 -5.84 12.97
CA ASN B 167 33.72 -5.57 11.72
C ASN B 167 32.20 -5.59 11.82
N PHE B 168 31.70 -5.19 12.97
CA PHE B 168 30.26 -5.14 13.24
C PHE B 168 29.56 -6.48 12.97
N LYS B 169 30.28 -7.57 13.24
CA LYS B 169 29.73 -8.91 13.08
C LYS B 169 28.75 -9.13 14.22
N ILE B 170 27.74 -9.98 14.00
CA ILE B 170 26.76 -10.26 15.05
C ILE B 170 27.28 -11.44 15.85
N THR B 171 27.62 -11.19 17.12
CA THR B 171 28.15 -12.24 17.98
C THR B 171 27.11 -12.81 18.94
N SER B 172 27.14 -14.13 19.11
CA SER B 172 26.24 -14.85 20.00
C SER B 172 26.10 -14.19 21.38
N LYS B 173 27.24 -13.88 21.99
CA LYS B 173 27.26 -13.22 23.30
C LYS B 173 26.40 -11.94 23.30
N ALA B 174 26.55 -11.14 22.25
CA ALA B 174 25.82 -9.89 22.11
C ALA B 174 24.33 -10.13 21.89
N VAL B 175 23.99 -11.12 21.08
CA VAL B 175 22.59 -11.43 20.81
C VAL B 175 21.89 -11.84 22.09
N LYS B 176 22.57 -12.66 22.87
CA LYS B 176 22.06 -13.15 24.14
C LYS B 176 21.98 -12.02 25.15
N GLU B 177 23.09 -11.33 25.38
CA GLU B 177 23.11 -10.23 26.34
C GLU B 177 21.94 -9.25 26.16
N ALA B 178 21.66 -8.85 24.92
CA ALA B 178 20.58 -7.92 24.64
C ALA B 178 19.25 -8.54 24.99
N TYR B 179 19.06 -9.78 24.57
CA TYR B 179 17.85 -10.54 24.83
C TYR B 179 17.57 -10.73 26.32
N GLU B 180 18.51 -11.37 27.02
CA GLU B 180 18.36 -11.63 28.45
C GLU B 180 18.06 -10.35 29.24
N ASN B 181 18.56 -9.22 28.76
CA ASN B 181 18.33 -7.95 29.43
C ASN B 181 16.86 -7.57 29.34
N ALA B 182 16.25 -7.87 28.19
CA ALA B 182 14.85 -7.56 27.95
C ALA B 182 13.97 -8.34 28.91
N GLN B 183 14.28 -9.62 29.06
CA GLN B 183 13.54 -10.49 29.98
C GLN B 183 13.63 -9.86 31.36
N LYS B 184 14.82 -9.39 31.69
CA LYS B 184 15.07 -8.74 32.97
C LYS B 184 14.28 -7.43 33.05
N SER B 185 13.89 -6.90 31.90
CA SER B 185 13.13 -5.65 31.89
C SER B 185 11.66 -5.89 31.58
N ASN B 186 11.22 -7.15 31.69
CA ASN B 186 9.84 -7.54 31.44
C ASN B 186 9.34 -7.06 30.08
N ILE B 187 10.15 -7.23 29.04
CA ILE B 187 9.77 -6.78 27.71
C ILE B 187 9.63 -8.00 26.80
N LYS B 188 8.40 -8.31 26.42
CA LYS B 188 8.13 -9.45 25.54
C LYS B 188 8.89 -9.35 24.22
N VAL B 189 9.89 -10.21 24.04
CA VAL B 189 10.67 -10.22 22.80
C VAL B 189 10.05 -11.30 21.91
N LYS B 190 9.47 -10.89 20.79
CA LYS B 190 8.86 -11.88 19.92
C LYS B 190 9.66 -12.27 18.70
N GLY B 191 10.74 -11.55 18.45
CA GLY B 191 11.56 -11.88 17.30
C GLY B 191 12.80 -11.05 17.15
N LEU B 192 13.47 -11.27 16.04
CA LEU B 192 14.68 -10.52 15.71
C LEU B 192 14.65 -10.33 14.21
N ILE B 193 14.94 -9.12 13.76
CA ILE B 193 14.92 -8.82 12.33
C ILE B 193 16.32 -8.47 11.79
N LEU B 194 16.83 -9.33 10.91
CA LEU B 194 18.15 -9.12 10.32
C LEU B 194 18.01 -8.44 8.97
N THR B 195 19.15 -7.98 8.47
CA THR B 195 19.18 -7.36 7.17
C THR B 195 20.38 -8.06 6.56
N ASN B 196 20.15 -8.83 5.50
CA ASN B 196 21.21 -9.61 4.91
C ASN B 196 21.01 -9.84 3.42
N PRO B 197 21.87 -9.26 2.59
CA PRO B 197 23.03 -8.42 2.89
C PRO B 197 22.73 -7.21 3.78
N SER B 198 23.69 -6.87 4.61
CA SER B 198 23.59 -5.78 5.57
C SER B 198 23.57 -4.33 5.04
N ASN B 199 22.87 -3.48 5.80
CA ASN B 199 22.76 -2.05 5.53
C ASN B 199 22.88 -1.45 6.92
N PRO B 200 23.81 -0.52 7.14
CA PRO B 200 24.79 0.09 6.24
C PRO B 200 26.09 -0.67 6.04
N LEU B 201 26.25 -1.80 6.72
CA LEU B 201 27.48 -2.56 6.59
C LEU B 201 27.81 -3.00 5.17
N GLY B 202 26.79 -3.22 4.35
CA GLY B 202 27.03 -3.65 2.97
C GLY B 202 27.71 -5.01 2.87
N THR B 203 27.68 -5.78 3.94
CA THR B 203 28.31 -7.11 3.95
C THR B 203 27.32 -8.25 4.09
N THR B 204 27.56 -9.32 3.34
CA THR B 204 26.69 -10.51 3.38
C THR B 204 27.02 -11.29 4.67
N LEU B 205 26.02 -11.95 5.24
CA LEU B 205 26.25 -12.69 6.48
C LEU B 205 26.85 -14.08 6.34
N ASP B 206 27.87 -14.34 7.17
CA ASP B 206 28.58 -15.61 7.23
C ASP B 206 27.60 -16.77 7.53
N LYS B 207 27.72 -17.86 6.78
CA LYS B 207 26.84 -19.02 6.96
C LYS B 207 26.68 -19.43 8.42
N ASP B 208 27.79 -19.59 9.14
CA ASP B 208 27.70 -19.98 10.54
C ASP B 208 26.90 -18.95 11.33
N THR B 209 27.32 -17.70 11.23
CA THR B 209 26.66 -16.61 11.94
C THR B 209 25.14 -16.69 11.80
N LEU B 210 24.66 -17.04 10.61
CA LEU B 210 23.22 -17.15 10.41
C LEU B 210 22.65 -18.30 11.26
N LYS B 211 23.33 -19.44 11.23
CA LYS B 211 22.91 -20.61 11.98
C LYS B 211 22.94 -20.29 13.48
N SER B 212 23.95 -19.53 13.89
CA SER B 212 24.07 -19.16 15.28
C SER B 212 22.96 -18.20 15.69
N VAL B 213 22.29 -17.59 14.71
CA VAL B 213 21.21 -16.68 15.03
C VAL B 213 19.90 -17.44 14.96
N LEU B 214 19.73 -18.20 13.89
CA LEU B 214 18.50 -18.97 13.74
C LEU B 214 18.33 -19.86 14.96
N SER B 215 19.41 -20.51 15.37
CA SER B 215 19.39 -21.39 16.53
C SER B 215 18.99 -20.68 17.82
N PHE B 216 19.61 -19.55 18.11
CA PHE B 216 19.23 -18.81 19.31
C PHE B 216 17.76 -18.45 19.19
N THR B 217 17.35 -18.17 17.96
CA THR B 217 15.97 -17.80 17.63
C THR B 217 15.01 -18.96 17.82
N ASN B 218 15.43 -20.12 17.31
CA ASN B 218 14.66 -21.35 17.38
C ASN B 218 14.60 -21.80 18.84
N GLN B 219 15.76 -21.81 19.47
CA GLN B 219 15.89 -22.23 20.85
C GLN B 219 14.98 -21.50 21.84
N HIS B 220 14.45 -20.35 21.43
CA HIS B 220 13.57 -19.57 22.30
C HIS B 220 12.22 -19.33 21.66
N ASN B 221 11.94 -20.09 20.62
CA ASN B 221 10.68 -19.98 19.89
C ASN B 221 10.31 -18.55 19.49
N ILE B 222 11.30 -17.72 19.20
CA ILE B 222 11.03 -16.37 18.76
C ILE B 222 11.31 -16.33 17.25
N HIS B 223 10.61 -15.46 16.52
CA HIS B 223 10.79 -15.39 15.06
C HIS B 223 12.07 -14.71 14.57
N LEU B 224 12.54 -15.19 13.43
CA LEU B 224 13.69 -14.61 12.78
C LEU B 224 13.17 -14.03 11.47
N VAL B 225 13.19 -12.71 11.36
CA VAL B 225 12.76 -12.02 10.15
C VAL B 225 14.00 -11.56 9.40
N CYS B 226 14.21 -12.14 8.22
CA CYS B 226 15.36 -11.79 7.40
C CYS B 226 15.00 -10.81 6.29
N ASP B 227 15.63 -9.65 6.34
CA ASP B 227 15.42 -8.60 5.35
C ASP B 227 16.53 -8.79 4.34
N GLU B 228 16.26 -9.56 3.29
CA GLU B 228 17.28 -9.85 2.28
C GLU B 228 17.02 -9.05 1.02
N ILE B 229 16.61 -7.81 1.25
CA ILE B 229 16.29 -6.87 0.18
C ILE B 229 17.49 -6.50 -0.72
N TYR B 230 18.70 -6.82 -0.27
CA TYR B 230 19.94 -6.51 -1.01
C TYR B 230 20.62 -7.77 -1.53
N ALA B 231 19.84 -8.82 -1.70
CA ALA B 231 20.35 -10.11 -2.16
C ALA B 231 21.12 -10.05 -3.45
N ALA B 232 20.56 -9.43 -4.48
CA ALA B 232 21.24 -9.40 -5.78
C ALA B 232 22.22 -8.25 -6.00
N THR B 233 22.66 -7.60 -4.94
CA THR B 233 23.62 -6.50 -5.08
C THR B 233 24.98 -6.93 -4.54
N VAL B 234 25.22 -8.24 -4.56
CA VAL B 234 26.47 -8.81 -4.11
C VAL B 234 27.40 -8.73 -5.30
N PHE B 235 28.67 -8.43 -5.05
CA PHE B 235 29.64 -8.26 -6.13
C PHE B 235 31.04 -8.78 -5.80
N ASP B 236 31.16 -9.54 -4.72
CA ASP B 236 32.47 -10.05 -4.33
C ASP B 236 32.24 -11.22 -3.38
N THR B 237 33.27 -12.02 -3.14
CA THR B 237 33.14 -13.13 -2.21
C THR B 237 33.16 -12.51 -0.80
N PRO B 238 32.53 -13.17 0.18
CA PRO B 238 31.78 -14.44 0.16
C PRO B 238 30.47 -14.40 -0.63
N GLN B 239 29.89 -15.58 -0.83
CA GLN B 239 28.61 -15.69 -1.53
C GLN B 239 27.48 -15.29 -0.59
N PHE B 240 26.37 -14.85 -1.17
CA PHE B 240 25.22 -14.48 -0.37
C PHE B 240 24.51 -15.76 0.07
N VAL B 241 24.26 -15.91 1.36
CA VAL B 241 23.58 -17.09 1.86
C VAL B 241 22.20 -16.71 2.35
N SER B 242 21.17 -17.15 1.65
CA SER B 242 19.81 -16.85 2.07
C SER B 242 19.45 -17.66 3.31
N ILE B 243 18.57 -17.14 4.16
CA ILE B 243 18.17 -17.87 5.35
C ILE B 243 17.39 -19.07 4.85
N ALA B 244 16.99 -18.99 3.58
CA ALA B 244 16.26 -20.08 2.96
C ALA B 244 17.21 -21.26 2.78
N GLU B 245 18.41 -20.98 2.29
CA GLU B 245 19.41 -22.01 2.06
C GLU B 245 19.75 -22.73 3.37
N ILE B 246 19.67 -22.02 4.48
CA ILE B 246 19.97 -22.59 5.78
C ILE B 246 18.81 -23.44 6.32
N LEU B 247 17.72 -23.50 5.55
CA LEU B 247 16.56 -24.32 5.91
C LEU B 247 16.54 -25.55 5.01
N ASP B 248 17.60 -25.69 4.21
CA ASP B 248 17.75 -26.81 3.29
C ASP B 248 19.00 -27.62 3.66
N GLU B 249 19.57 -27.31 4.83
CA GLU B 249 20.77 -28.00 5.30
C GLU B 249 20.45 -29.02 6.41
N GLN B 250 21.11 -30.18 6.34
CA GLN B 250 20.93 -31.27 7.31
C GLN B 250 21.13 -30.89 8.78
N GLU B 251 22.25 -30.24 9.06
CA GLU B 251 22.63 -29.79 10.39
C GLU B 251 21.48 -29.09 11.11
N MET B 252 20.44 -28.71 10.38
CA MET B 252 19.30 -28.01 10.99
C MET B 252 17.93 -28.35 10.41
N THR B 253 17.74 -29.62 10.05
CA THR B 253 16.46 -30.07 9.50
C THR B 253 15.38 -29.97 10.58
N TYR B 254 15.81 -29.81 11.82
CA TYR B 254 14.89 -29.73 12.95
C TYR B 254 14.67 -28.33 13.51
N CYS B 255 14.45 -27.36 12.62
CA CYS B 255 14.20 -26.00 13.06
C CYS B 255 12.75 -25.63 12.76
N ASN B 256 12.09 -24.98 13.72
CA ASN B 256 10.71 -24.59 13.52
C ASN B 256 10.60 -23.61 12.36
N LYS B 257 10.10 -24.08 11.23
CA LYS B 257 9.95 -23.21 10.08
C LYS B 257 8.82 -22.20 10.29
N ASP B 258 8.17 -22.25 11.44
CA ASP B 258 7.10 -21.32 11.73
C ASP B 258 7.65 -19.98 12.19
N LEU B 259 8.86 -20.01 12.75
CA LEU B 259 9.50 -18.79 13.24
C LEU B 259 10.45 -18.17 12.19
N VAL B 260 10.32 -18.58 10.94
CA VAL B 260 11.19 -18.08 9.88
C VAL B 260 10.47 -17.37 8.74
N HIS B 261 10.77 -16.09 8.60
CA HIS B 261 10.17 -15.22 7.58
C HIS B 261 11.21 -14.39 6.82
N ILE B 262 10.97 -14.18 5.54
CA ILE B 262 11.85 -13.38 4.68
C ILE B 262 11.12 -12.13 4.16
N VAL B 263 11.83 -11.00 4.08
CA VAL B 263 11.24 -9.77 3.54
C VAL B 263 12.03 -9.40 2.30
N TYR B 264 11.34 -8.93 1.27
CA TYR B 264 11.97 -8.61 0.02
C TYR B 264 11.28 -7.47 -0.73
N SER B 265 11.97 -6.98 -1.76
CA SER B 265 11.48 -5.90 -2.60
C SER B 265 12.30 -5.91 -3.88
N LEU B 266 11.92 -5.08 -4.84
CA LEU B 266 12.67 -5.01 -6.09
C LEU B 266 13.36 -3.67 -6.19
N SER B 267 13.36 -2.94 -5.07
CA SER B 267 13.96 -1.61 -5.01
C SER B 267 15.47 -1.54 -5.18
N LYS B 268 16.18 -2.51 -4.63
CA LYS B 268 17.62 -2.46 -4.73
C LYS B 268 18.20 -3.25 -5.90
N ASP B 269 17.90 -4.54 -6.01
CA ASP B 269 18.51 -5.26 -7.12
C ASP B 269 17.77 -5.27 -8.45
N MET B 270 17.25 -4.10 -8.80
CA MET B 270 16.53 -3.86 -10.05
C MET B 270 16.13 -2.39 -10.07
N GLY B 271 16.48 -1.70 -8.98
CA GLY B 271 16.21 -0.28 -8.82
C GLY B 271 14.84 0.18 -9.28
N LEU B 272 13.79 -0.42 -8.74
CA LEU B 272 12.44 -0.04 -9.13
C LEU B 272 11.62 0.28 -7.91
N PRO B 273 12.15 1.14 -7.02
CA PRO B 273 11.41 1.51 -5.81
C PRO B 273 10.05 2.11 -6.13
N GLY B 274 9.98 2.90 -7.19
CA GLY B 274 8.72 3.52 -7.59
C GLY B 274 7.62 2.53 -7.90
N PHE B 275 8.00 1.31 -8.24
CA PHE B 275 7.03 0.28 -8.55
C PHE B 275 6.38 -0.26 -7.28
N ARG B 276 7.00 0.06 -6.14
CA ARG B 276 6.50 -0.33 -4.82
C ARG B 276 6.30 -1.83 -4.74
N VAL B 277 7.30 -2.62 -5.10
CA VAL B 277 7.14 -4.06 -5.06
C VAL B 277 7.68 -4.70 -3.76
N GLY B 278 6.81 -4.73 -2.76
CA GLY B 278 7.16 -5.32 -1.48
C GLY B 278 6.73 -6.77 -1.50
N ILE B 279 7.58 -7.64 -0.98
CA ILE B 279 7.30 -9.06 -0.93
C ILE B 279 7.50 -9.65 0.44
N ILE B 280 6.58 -10.53 0.83
CA ILE B 280 6.68 -11.21 2.12
C ILE B 280 6.60 -12.70 1.86
N TYR B 281 7.66 -13.42 2.21
CA TYR B 281 7.73 -14.87 2.02
C TYR B 281 7.88 -15.56 3.36
N SER B 282 6.78 -16.00 3.93
CA SER B 282 6.85 -16.67 5.21
C SER B 282 6.94 -18.19 5.03
N PHE B 283 7.46 -18.87 6.05
CA PHE B 283 7.56 -20.33 6.00
C PHE B 283 6.44 -20.86 6.87
N ASN B 284 5.73 -19.92 7.48
CA ASN B 284 4.61 -20.19 8.38
C ASN B 284 3.30 -19.96 7.62
N ASP B 285 2.58 -21.04 7.30
CA ASP B 285 1.30 -20.95 6.57
C ASP B 285 0.31 -19.93 7.12
N ASP B 286 0.22 -19.83 8.45
CA ASP B 286 -0.70 -18.90 9.08
C ASP B 286 -0.28 -17.46 8.80
N VAL B 287 1.00 -17.18 9.05
CA VAL B 287 1.57 -15.87 8.81
C VAL B 287 1.34 -15.54 7.34
N VAL B 288 1.58 -16.50 6.46
CA VAL B 288 1.39 -16.28 5.05
C VAL B 288 0.03 -15.69 4.80
N ASN B 289 -1.00 -16.30 5.39
CA ASN B 289 -2.37 -15.82 5.22
C ASN B 289 -2.59 -14.41 5.73
N CYS B 290 -2.39 -14.19 7.03
CA CYS B 290 -2.58 -12.87 7.61
C CYS B 290 -1.92 -11.78 6.77
N ALA B 291 -0.70 -12.05 6.29
CA ALA B 291 0.03 -11.10 5.47
C ALA B 291 -0.69 -10.86 4.14
N ARG B 292 -1.33 -11.90 3.63
CA ARG B 292 -2.07 -11.78 2.39
C ARG B 292 -3.32 -10.94 2.62
N LYS B 293 -4.03 -11.19 3.73
CA LYS B 293 -5.23 -10.42 4.03
C LYS B 293 -4.86 -8.95 4.19
N MET B 294 -3.69 -8.72 4.81
CA MET B 294 -3.18 -7.38 5.02
C MET B 294 -2.62 -6.80 3.73
N SER B 295 -2.25 -7.66 2.79
CA SER B 295 -1.67 -7.19 1.54
C SER B 295 -2.64 -6.32 0.76
N SER B 296 -3.91 -6.35 1.12
CA SER B 296 -4.88 -5.54 0.40
C SER B 296 -4.70 -4.04 0.64
N PHE B 297 -3.99 -3.66 1.70
CA PHE B 297 -3.76 -2.25 1.99
C PHE B 297 -2.61 -1.73 1.18
N GLY B 298 -1.85 -2.64 0.58
CA GLY B 298 -0.71 -2.21 -0.20
C GLY B 298 -0.45 -3.11 -1.39
N LEU B 299 -1.49 -3.44 -2.14
CA LEU B 299 -1.33 -4.31 -3.33
C LEU B 299 -0.50 -3.66 -4.45
N VAL B 300 0.37 -4.43 -5.10
CA VAL B 300 1.14 -3.90 -6.23
C VAL B 300 0.18 -3.66 -7.40
N SER B 301 0.44 -2.65 -8.21
CA SER B 301 -0.44 -2.36 -9.33
C SER B 301 -0.49 -3.46 -10.37
N THR B 302 -1.70 -3.87 -10.74
CA THR B 302 -1.87 -4.91 -11.72
C THR B 302 -1.02 -4.57 -12.94
N GLN B 303 -1.00 -3.30 -13.28
CA GLN B 303 -0.23 -2.88 -14.42
C GLN B 303 1.24 -3.17 -14.22
N THR B 304 1.73 -2.95 -13.00
CA THR B 304 3.13 -3.19 -12.71
C THR B 304 3.38 -4.69 -12.57
N GLN B 305 2.42 -5.41 -12.01
CA GLN B 305 2.53 -6.85 -11.87
C GLN B 305 2.71 -7.47 -13.25
N TYR B 306 1.81 -7.10 -14.15
CA TYR B 306 1.84 -7.58 -15.53
C TYR B 306 3.19 -7.25 -16.15
N PHE B 307 3.69 -6.05 -15.88
CA PHE B 307 4.98 -5.64 -16.41
C PHE B 307 6.13 -6.48 -15.86
N LEU B 308 6.07 -6.83 -14.58
CA LEU B 308 7.12 -7.62 -13.94
C LEU B 308 7.07 -9.08 -14.37
N ALA B 309 5.87 -9.65 -14.42
CA ALA B 309 5.69 -11.03 -14.82
C ALA B 309 6.41 -11.21 -16.14
N ALA B 310 6.07 -10.38 -17.12
CA ALA B 310 6.70 -10.45 -18.42
C ALA B 310 8.22 -10.30 -18.34
N MET B 311 8.69 -9.24 -17.67
CA MET B 311 10.12 -9.02 -17.57
C MET B 311 10.92 -10.11 -16.85
N LEU B 312 10.51 -10.44 -15.63
CA LEU B 312 11.25 -11.45 -14.87
C LEU B 312 11.11 -12.86 -15.44
N SER B 313 10.30 -13.01 -16.49
CA SER B 313 10.12 -14.31 -17.12
C SER B 313 11.17 -14.58 -18.18
N ASP B 314 11.87 -13.53 -18.60
CA ASP B 314 12.90 -13.63 -19.63
C ASP B 314 14.23 -14.02 -19.00
N GLU B 315 14.53 -15.31 -18.99
CA GLU B 315 15.77 -15.80 -18.41
C GLU B 315 17.02 -15.16 -18.95
N LYS B 316 17.14 -15.06 -20.27
CA LYS B 316 18.35 -14.45 -20.79
C LYS B 316 18.52 -13.09 -20.13
N PHE B 317 17.41 -12.39 -19.91
CA PHE B 317 17.44 -11.09 -19.26
C PHE B 317 17.75 -11.20 -17.78
N VAL B 318 16.90 -11.93 -17.06
CA VAL B 318 17.09 -12.10 -15.62
C VAL B 318 18.44 -12.73 -15.32
N ASP B 319 19.04 -13.40 -16.30
CA ASP B 319 20.34 -14.01 -16.10
C ASP B 319 21.45 -13.08 -16.57
N ASN B 320 21.14 -12.26 -17.57
CA ASN B 320 22.11 -11.30 -18.06
C ASN B 320 22.18 -10.15 -17.06
N PHE B 321 21.01 -9.66 -16.64
CA PHE B 321 20.93 -8.57 -15.70
C PHE B 321 21.69 -8.85 -14.41
N LEU B 322 21.37 -9.97 -13.77
CA LEU B 322 22.03 -10.35 -12.53
C LEU B 322 23.55 -10.34 -12.63
N ARG B 323 24.08 -10.96 -13.68
CA ARG B 323 25.52 -11.02 -13.85
C ARG B 323 26.09 -9.64 -14.11
N GLU B 324 25.49 -8.91 -15.04
CA GLU B 324 25.96 -7.56 -15.37
C GLU B 324 25.90 -6.66 -14.15
N SER B 325 24.75 -6.66 -13.48
CA SER B 325 24.59 -5.82 -12.31
C SER B 325 25.66 -6.05 -11.24
N ALA B 326 26.16 -7.27 -11.15
CA ALA B 326 27.20 -7.61 -10.18
C ALA B 326 28.49 -6.99 -10.62
N MET B 327 28.72 -7.01 -11.92
CA MET B 327 29.93 -6.44 -12.46
C MET B 327 30.04 -4.94 -12.15
N ARG B 328 29.10 -4.17 -12.69
CA ARG B 328 29.12 -2.72 -12.49
C ARG B 328 29.28 -2.32 -11.03
N LEU B 329 28.42 -2.85 -10.17
CA LEU B 329 28.50 -2.52 -8.76
C LEU B 329 29.91 -2.77 -8.24
N GLY B 330 30.54 -3.84 -8.69
CA GLY B 330 31.90 -4.13 -8.25
C GLY B 330 32.87 -3.13 -8.83
N LYS B 331 32.74 -2.92 -10.14
CA LYS B 331 33.58 -1.99 -10.86
C LYS B 331 33.54 -0.63 -10.16
N ARG B 332 32.34 -0.20 -9.79
CA ARG B 332 32.18 1.08 -9.12
C ARG B 332 32.67 1.06 -7.67
N HIS B 333 32.30 0.03 -6.92
CA HIS B 333 32.73 -0.04 -5.54
C HIS B 333 34.26 0.00 -5.48
N LYS B 334 34.92 -0.81 -6.28
CA LYS B 334 36.37 -0.83 -6.28
C LYS B 334 36.91 0.59 -6.54
N HIS B 335 36.36 1.25 -7.55
CA HIS B 335 36.84 2.59 -7.87
C HIS B 335 36.71 3.51 -6.67
N PHE B 336 35.51 3.61 -6.12
CA PHE B 336 35.28 4.48 -4.98
C PHE B 336 36.13 4.06 -3.79
N THR B 337 36.47 2.78 -3.71
CA THR B 337 37.29 2.27 -2.63
C THR B 337 38.75 2.69 -2.79
N ASN B 338 39.26 2.60 -4.01
CA ASN B 338 40.63 2.99 -4.30
C ASN B 338 40.67 4.50 -4.17
N GLY B 339 39.58 5.14 -4.58
CA GLY B 339 39.49 6.58 -4.49
C GLY B 339 39.78 7.07 -3.10
N LEU B 340 39.23 6.39 -2.09
CA LEU B 340 39.43 6.77 -0.70
C LEU B 340 40.76 6.22 -0.13
N GLU B 341 41.23 5.08 -0.66
CA GLU B 341 42.48 4.50 -0.20
C GLU B 341 43.62 5.44 -0.54
N VAL B 342 43.42 6.20 -1.61
CA VAL B 342 44.41 7.17 -2.06
C VAL B 342 44.65 8.26 -1.01
N VAL B 343 43.58 8.92 -0.60
CA VAL B 343 43.67 9.98 0.40
C VAL B 343 43.72 9.45 1.84
N GLY B 344 43.98 8.17 1.99
CA GLY B 344 44.09 7.57 3.32
C GLY B 344 42.82 7.24 4.06
N ILE B 345 41.68 7.13 3.37
CA ILE B 345 40.43 6.81 4.05
C ILE B 345 40.09 5.32 3.92
N LYS B 346 39.86 4.67 5.06
CA LYS B 346 39.53 3.25 5.08
C LYS B 346 38.05 2.99 5.29
N CYS B 347 37.55 1.97 4.61
CA CYS B 347 36.14 1.58 4.72
C CYS B 347 36.07 0.14 5.22
N LEU B 348 34.97 -0.19 5.89
CA LEU B 348 34.79 -1.56 6.34
C LEU B 348 34.78 -2.34 5.04
N LYS B 349 35.49 -3.45 4.96
CA LYS B 349 35.48 -4.20 3.72
C LYS B 349 34.12 -4.84 3.50
N ASN B 350 33.53 -4.62 2.32
CA ASN B 350 32.22 -5.19 2.02
C ASN B 350 32.19 -5.82 0.64
N ASN B 351 31.17 -6.66 0.42
CA ASN B 351 31.03 -7.36 -0.85
C ASN B 351 29.68 -7.11 -1.54
N ALA B 352 28.78 -6.40 -0.86
CA ALA B 352 27.47 -6.13 -1.44
C ALA B 352 26.90 -4.78 -1.06
N GLY B 353 25.68 -4.54 -1.54
CA GLY B 353 25.01 -3.29 -1.25
C GLY B 353 25.30 -2.18 -2.25
N LEU B 354 24.68 -1.04 -1.99
CA LEU B 354 24.81 0.11 -2.84
C LEU B 354 25.51 1.22 -2.07
N PHE B 355 26.46 0.86 -1.22
CA PHE B 355 27.13 1.85 -0.39
C PHE B 355 28.30 1.24 0.37
N CYS B 356 29.02 2.09 1.07
CA CYS B 356 30.12 1.58 1.88
C CYS B 356 30.20 2.37 3.17
N TRP B 357 30.44 1.63 4.25
CA TRP B 357 30.53 2.11 5.62
C TRP B 357 31.92 2.75 5.82
N MET B 358 31.98 4.08 5.69
CA MET B 358 33.24 4.84 5.80
C MET B 358 33.71 5.17 7.20
N ASP B 359 35.00 4.96 7.43
CA ASP B 359 35.62 5.22 8.72
C ASP B 359 36.25 6.59 8.74
N LEU B 360 35.54 7.56 9.31
CA LEU B 360 36.07 8.91 9.40
C LEU B 360 36.46 9.18 10.84
N ARG B 361 36.77 8.11 11.58
CA ARG B 361 37.20 8.25 12.96
C ARG B 361 38.52 9.03 13.12
N PRO B 362 39.50 8.80 12.24
CA PRO B 362 40.75 9.53 12.38
C PRO B 362 40.63 11.02 12.11
N LEU B 363 39.43 11.47 11.75
CA LEU B 363 39.21 12.90 11.52
C LEU B 363 38.52 13.48 12.76
N LEU B 364 38.01 12.61 13.62
CA LEU B 364 37.34 13.06 14.82
C LEU B 364 38.25 13.58 15.91
N ARG B 365 38.00 14.83 16.28
CA ARG B 365 38.74 15.55 17.30
C ARG B 365 38.79 14.69 18.56
N GLU B 366 37.64 14.51 19.18
CA GLU B 366 37.52 13.69 20.37
C GLU B 366 36.79 12.46 19.83
N SER B 367 36.15 11.71 20.71
CA SER B 367 35.43 10.54 20.28
C SER B 367 34.00 10.64 20.76
N THR B 368 33.34 11.71 20.36
CA THR B 368 31.96 11.97 20.74
C THR B 368 31.06 12.04 19.50
N PHE B 369 29.79 11.75 19.68
CA PHE B 369 28.86 11.81 18.55
C PHE B 369 28.65 13.26 18.18
N ASP B 370 29.00 14.12 19.11
CA ASP B 370 28.88 15.55 18.92
C ASP B 370 30.01 15.96 17.98
N SER B 371 31.19 15.39 18.26
CA SER B 371 32.35 15.65 17.43
C SER B 371 31.99 15.12 16.06
N GLU B 372 31.24 14.02 16.04
CA GLU B 372 30.80 13.40 14.79
C GLU B 372 29.85 14.29 13.99
N MET B 373 28.82 14.81 14.65
CA MET B 373 27.86 15.66 13.99
C MET B 373 28.48 16.93 13.43
N SER B 374 29.54 17.39 14.07
CA SER B 374 30.23 18.59 13.62
C SER B 374 30.95 18.27 12.30
N LEU B 375 31.66 17.15 12.27
CA LEU B 375 32.35 16.74 11.06
C LEU B 375 31.29 16.69 9.98
N TRP B 376 30.15 16.12 10.32
CA TRP B 376 29.04 15.98 9.40
C TRP B 376 28.56 17.33 8.84
N ARG B 377 28.35 18.30 9.71
CA ARG B 377 27.91 19.60 9.28
C ARG B 377 28.90 20.16 8.27
N VAL B 378 30.17 19.78 8.40
CA VAL B 378 31.20 20.26 7.48
C VAL B 378 31.14 19.59 6.12
N ILE B 379 30.98 18.26 6.12
CA ILE B 379 30.89 17.50 4.88
C ILE B 379 29.68 17.97 4.05
N ILE B 380 28.59 18.35 4.72
CA ILE B 380 27.40 18.78 3.99
C ILE B 380 27.37 20.27 3.68
N ASN B 381 28.05 21.10 4.46
CA ASN B 381 28.04 22.51 4.15
C ASN B 381 29.28 22.97 3.39
N ASP B 382 30.44 22.44 3.76
CA ASP B 382 31.69 22.82 3.12
C ASP B 382 32.23 21.82 2.11
N VAL B 383 32.12 20.53 2.37
CA VAL B 383 32.57 19.51 1.42
C VAL B 383 31.43 19.36 0.40
N LYS B 384 30.23 19.71 0.86
CA LYS B 384 29.01 19.66 0.08
C LYS B 384 28.72 18.29 -0.54
N LEU B 385 28.57 17.32 0.35
CA LEU B 385 28.25 15.95 0.03
C LEU B 385 27.24 15.59 1.08
N ASN B 386 26.14 14.97 0.66
CA ASN B 386 25.12 14.54 1.60
C ASN B 386 25.35 13.07 1.88
N VAL B 387 25.97 12.79 3.02
CA VAL B 387 26.23 11.42 3.43
C VAL B 387 25.43 11.18 4.71
N SER B 388 25.45 9.96 5.21
CA SER B 388 24.69 9.64 6.41
C SER B 388 25.60 9.34 7.59
N PRO B 389 25.42 10.09 8.70
CA PRO B 389 26.18 9.97 9.96
C PRO B 389 25.87 8.67 10.70
N GLY B 390 26.91 7.98 11.16
CA GLY B 390 26.71 6.73 11.88
C GLY B 390 25.64 6.81 12.95
N SER B 391 25.63 7.90 13.72
CA SER B 391 24.65 8.07 14.79
C SER B 391 23.23 7.99 14.25
N SER B 392 23.11 8.07 12.93
CA SER B 392 21.82 8.02 12.26
C SER B 392 21.32 6.59 12.16
N PHE B 393 22.24 5.63 12.20
CA PHE B 393 21.89 4.23 12.12
C PHE B 393 22.05 3.61 13.50
N GLU B 394 22.05 4.45 14.53
CA GLU B 394 22.19 3.96 15.88
C GLU B 394 23.52 3.26 16.04
N CYS B 395 24.55 3.75 15.36
CA CYS B 395 25.88 3.15 15.48
C CYS B 395 26.40 3.63 16.83
N GLN B 396 26.88 2.69 17.65
CA GLN B 396 27.36 3.04 18.99
C GLN B 396 28.78 3.62 19.11
N GLU B 397 29.44 3.87 17.98
CA GLU B 397 30.77 4.48 18.00
C GLU B 397 30.85 5.54 16.89
N PRO B 398 31.20 6.77 17.25
CA PRO B 398 31.33 7.90 16.32
C PRO B 398 32.36 7.72 15.22
N GLY B 399 32.20 8.46 14.13
CA GLY B 399 33.16 8.38 13.06
C GLY B 399 32.78 7.63 11.81
N TRP B 400 31.75 6.80 11.86
CA TRP B 400 31.33 6.06 10.68
C TRP B 400 30.22 6.80 9.93
N PHE B 401 30.35 6.86 8.61
CA PHE B 401 29.38 7.52 7.74
C PHE B 401 29.05 6.60 6.56
N ARG B 402 27.77 6.40 6.28
CA ARG B 402 27.41 5.58 5.14
C ARG B 402 27.47 6.49 3.92
N VAL B 403 28.14 6.03 2.86
CA VAL B 403 28.25 6.80 1.63
C VAL B 403 27.75 5.96 0.46
N CYS B 404 26.79 6.50 -0.26
CA CYS B 404 26.20 5.82 -1.41
C CYS B 404 26.83 6.19 -2.74
N PHE B 405 27.11 5.18 -3.56
CA PHE B 405 27.76 5.41 -4.84
C PHE B 405 27.06 4.75 -6.05
N ALA B 406 25.83 4.28 -5.89
CA ALA B 406 25.18 3.62 -7.01
C ALA B 406 24.09 4.44 -7.73
N ASN B 407 23.98 5.71 -7.40
CA ASN B 407 22.97 6.52 -8.03
C ASN B 407 23.47 7.60 -8.98
N MET B 408 24.78 7.68 -9.22
CA MET B 408 25.30 8.71 -10.14
C MET B 408 26.24 8.20 -11.24
N ASP B 409 26.80 9.14 -12.02
CA ASP B 409 27.73 8.84 -13.12
C ASP B 409 29.11 8.57 -12.59
N ASP B 410 29.97 8.06 -13.45
CA ASP B 410 31.35 7.82 -13.04
C ASP B 410 31.93 9.21 -12.82
N GLY B 411 31.56 10.12 -13.71
CA GLY B 411 32.03 11.48 -13.63
C GLY B 411 31.71 12.10 -12.28
N THR B 412 30.45 11.99 -11.86
CA THR B 412 30.02 12.56 -10.59
C THR B 412 30.78 11.97 -9.41
N VAL B 413 30.93 10.64 -9.42
CA VAL B 413 31.64 9.93 -8.37
C VAL B 413 33.05 10.47 -8.24
N ASP B 414 33.74 10.59 -9.38
CA ASP B 414 35.10 11.09 -9.35
C ASP B 414 35.17 12.51 -8.78
N ILE B 415 34.10 13.28 -8.95
CA ILE B 415 34.06 14.65 -8.43
C ILE B 415 33.94 14.58 -6.92
N ALA B 416 32.97 13.79 -6.47
CA ALA B 416 32.73 13.58 -5.06
C ALA B 416 34.05 13.12 -4.44
N LEU B 417 34.74 12.25 -5.17
CA LEU B 417 36.03 11.73 -4.75
C LEU B 417 37.05 12.85 -4.70
N ALA B 418 37.00 13.73 -5.69
CA ALA B 418 37.94 14.85 -5.72
C ALA B 418 37.65 15.75 -4.53
N ARG B 419 36.38 16.07 -4.30
CA ARG B 419 36.02 16.91 -3.18
C ARG B 419 36.51 16.31 -1.86
N ILE B 420 36.38 15.00 -1.70
CA ILE B 420 36.84 14.41 -0.47
C ILE B 420 38.35 14.52 -0.32
N ARG B 421 39.06 14.48 -1.43
CA ARG B 421 40.52 14.59 -1.42
C ARG B 421 40.97 15.90 -0.79
N ARG B 422 40.30 17.00 -1.15
CA ARG B 422 40.64 18.31 -0.59
C ARG B 422 40.28 18.41 0.88
N PHE B 423 39.12 17.90 1.24
CA PHE B 423 38.69 17.95 2.62
C PHE B 423 39.76 17.29 3.48
N VAL B 424 39.87 15.97 3.38
CA VAL B 424 40.86 15.23 4.12
C VAL B 424 42.25 15.82 3.97
N GLY B 425 42.63 16.13 2.74
CA GLY B 425 43.93 16.71 2.50
C GLY B 425 44.20 17.83 3.49
N VAL B 426 43.23 18.72 3.64
CA VAL B 426 43.34 19.85 4.57
C VAL B 426 42.87 19.44 5.97
N GLU B 427 43.26 18.26 6.42
CA GLU B 427 42.87 17.77 7.74
C GLU B 427 44.06 17.27 8.57
N LYS B 428 45.08 18.14 8.68
CA LYS B 428 46.31 17.88 9.43
C LYS B 428 47.53 18.49 8.74
#